data_7EGT
#
_entry.id   7EGT
#
_cell.length_a   92.332
_cell.length_b   114.606
_cell.length_c   125.448
_cell.angle_alpha   90.000
_cell.angle_beta   90.000
_cell.angle_gamma   90.000
#
_symmetry.space_group_name_H-M   'P 21 21 21'
#
loop_
_entity.id
_entity.type
_entity.pdbx_description
1 polymer 'UvrABC system protein B'
2 polymer 'DNA helicase UvrD'
3 water water
#
loop_
_entity_poly.entity_id
_entity_poly.type
_entity_poly.pdbx_seq_one_letter_code
_entity_poly.pdbx_strand_id
1 'polypeptide(L)'
;AMDMTFRYRGPSPKGDQPKAIAGLVEALRDGERFVTLLGATGTGKTVTMAKVIEALGRPALVLAPNKILAAQLAAEFREL
FPENAVEYFISYYDYYQPEAYVPGKDLYIEKDASINPEIERLRHSTTRSLLTRRDVIVVASVSAIYGLGDPREYRARNLV
VERGKPYPREVLLERLLELGYQRNDIDLSPGRFRAKGEVLEIFPAYETEPIRVELFGDEVERISQVHPVTGERLRELPGF
VLFPATHYLSPEGLEEILKEIEKELWERVRYFEERGEVLYAQRLKERTLYDLEMLRVMGTCPGVENYARYFTGKAPGEPP
YTLLDYFPEDFLVFLDESHVTVPQLQGMYRGDYARKKTLVDYGFRLPSALDNRPLRFEEFLERVSQVVFVSATPGPFELA
HSGRVVEQIIR
;
A,C
2 'polypeptide(L)' AMDPPHRPRPGAFRGGERVVHPRFGPGTVVAAQGDEVTVHFEGFGLKRLSLKYAELKPA B,D
#
# COMPACT_ATOMS: atom_id res chain seq x y z
N ASP A 3 0.40 8.68 -35.01
CA ASP A 3 -0.47 7.52 -34.80
C ASP A 3 0.22 6.41 -34.00
N MET A 4 1.55 6.48 -33.96
CA MET A 4 2.35 5.41 -33.33
C MET A 4 2.66 5.68 -31.87
N THR A 5 2.88 6.94 -31.49
CA THR A 5 3.29 7.24 -30.13
C THR A 5 2.19 6.91 -29.12
N PHE A 6 1.01 7.50 -29.30
CA PHE A 6 -0.11 7.32 -28.39
C PHE A 6 -1.17 6.42 -29.03
N ARG A 7 -1.88 5.68 -28.18
CA ARG A 7 -2.97 4.79 -28.63
C ARG A 7 -4.27 5.27 -28.02
N TYR A 8 -5.05 6.06 -28.78
CA TYR A 8 -6.31 6.59 -28.28
C TYR A 8 -7.38 5.50 -28.29
N ARG A 9 -7.91 5.18 -27.11
CA ARG A 9 -9.03 4.24 -26.95
C ARG A 9 -10.14 4.96 -26.20
N GLY A 10 -10.95 5.70 -26.95
CA GLY A 10 -12.07 6.43 -26.39
C GLY A 10 -13.11 6.63 -27.47
N PRO A 11 -14.14 7.42 -27.17
CA PRO A 11 -15.23 7.58 -28.14
C PRO A 11 -14.82 8.44 -29.32
N SER A 12 -15.51 8.24 -30.43
CA SER A 12 -15.23 9.05 -31.60
C SER A 12 -15.92 10.41 -31.47
N PRO A 13 -15.26 11.49 -31.89
CA PRO A 13 -15.95 12.79 -31.89
C PRO A 13 -17.06 12.81 -32.91
N LYS A 14 -18.18 13.41 -32.52
CA LYS A 14 -19.34 13.54 -33.39
C LYS A 14 -19.57 15.02 -33.74
N GLY A 15 -20.59 15.26 -34.57
CA GLY A 15 -20.97 16.64 -34.87
C GLY A 15 -19.85 17.40 -35.55
N ASP A 16 -19.56 18.60 -35.05
CA ASP A 16 -18.50 19.42 -35.60
C ASP A 16 -17.18 19.25 -34.86
N GLN A 17 -17.18 18.47 -33.79
CA GLN A 17 -15.94 18.26 -33.05
C GLN A 17 -14.79 17.74 -33.91
N PRO A 18 -15.00 16.90 -34.92
CA PRO A 18 -13.87 16.58 -35.82
C PRO A 18 -13.27 17.81 -36.46
N LYS A 19 -14.08 18.83 -36.77
CA LYS A 19 -13.55 20.05 -37.38
C LYS A 19 -12.71 20.85 -36.38
N ALA A 20 -13.11 20.87 -35.10
CA ALA A 20 -12.31 21.57 -34.11
C ALA A 20 -10.97 20.87 -33.89
N ILE A 21 -10.96 19.54 -33.91
CA ILE A 21 -9.71 18.80 -33.80
C ILE A 21 -8.81 19.11 -34.98
N ALA A 22 -9.37 19.07 -36.19
CA ALA A 22 -8.58 19.35 -37.38
C ALA A 22 -8.08 20.79 -37.38
N GLY A 23 -8.90 21.72 -36.93
CA GLY A 23 -8.49 23.12 -36.88
C GLY A 23 -7.30 23.33 -35.95
N LEU A 24 -7.30 22.68 -34.79
CA LEU A 24 -6.15 22.75 -33.90
C LEU A 24 -4.93 22.08 -34.51
N VAL A 25 -5.12 20.92 -35.13
CA VAL A 25 -3.98 20.21 -35.72
C VAL A 25 -3.41 21.02 -36.88
N GLU A 26 -4.27 21.66 -37.67
CA GLU A 26 -3.78 22.53 -38.73
C GLU A 26 -3.00 23.70 -38.16
N ALA A 27 -3.54 24.36 -37.13
CA ALA A 27 -2.85 25.50 -36.53
C ALA A 27 -1.47 25.10 -36.04
N LEU A 28 -1.38 23.99 -35.30
CA LEU A 28 -0.10 23.59 -34.72
C LEU A 28 0.90 23.15 -35.78
N ARG A 29 0.44 22.42 -36.79
CA ARG A 29 1.36 22.00 -37.86
C ARG A 29 1.77 23.18 -38.73
N ASP A 30 0.99 24.27 -38.74
CA ASP A 30 1.43 25.50 -39.36
C ASP A 30 2.54 26.14 -38.56
N GLY A 31 2.72 25.75 -37.31
CA GLY A 31 3.68 26.41 -36.46
C GLY A 31 3.13 27.58 -35.68
N GLU A 32 1.80 27.77 -35.68
CA GLU A 32 1.19 28.81 -34.87
C GLU A 32 1.67 28.69 -33.43
N ARG A 33 2.04 29.82 -32.86
CA ARG A 33 2.63 29.80 -31.53
C ARG A 33 1.57 29.80 -30.45
N PHE A 34 0.42 30.44 -30.71
CA PHE A 34 -0.66 30.57 -29.74
C PHE A 34 -1.97 30.18 -30.39
N VAL A 35 -2.59 29.11 -29.89
CA VAL A 35 -3.85 28.61 -30.41
C VAL A 35 -4.84 28.52 -29.26
N THR A 36 -6.11 28.84 -29.56
CA THR A 36 -7.17 28.80 -28.56
C THR A 36 -8.24 27.82 -28.99
N LEU A 37 -8.55 26.88 -28.13
CA LEU A 37 -9.77 26.09 -28.25
C LEU A 37 -10.84 26.78 -27.42
N LEU A 38 -11.92 27.20 -28.06
CA LEU A 38 -12.94 28.03 -27.43
C LEU A 38 -14.25 27.27 -27.32
N GLY A 39 -14.78 27.17 -26.09
CA GLY A 39 -16.12 26.69 -25.86
C GLY A 39 -16.23 25.26 -25.39
N ALA A 40 -15.14 24.49 -25.42
CA ALA A 40 -15.21 23.07 -25.09
C ALA A 40 -15.52 22.88 -23.61
N THR A 41 -16.30 21.85 -23.29
CA THR A 41 -16.65 21.53 -21.91
C THR A 41 -16.63 20.03 -21.71
N GLY A 42 -16.51 19.64 -20.43
CA GLY A 42 -16.71 18.26 -20.03
C GLY A 42 -15.84 17.26 -20.77
N THR A 43 -16.44 16.13 -21.12
CA THR A 43 -15.70 15.06 -21.77
C THR A 43 -15.20 15.48 -23.15
N GLY A 44 -16.01 16.25 -23.89
CA GLY A 44 -15.59 16.67 -25.22
C GLY A 44 -14.30 17.46 -25.21
N LYS A 45 -14.06 18.22 -24.13
CA LYS A 45 -12.81 18.95 -23.98
C LYS A 45 -11.61 18.01 -24.03
N THR A 46 -11.56 17.02 -23.14
CA THR A 46 -10.41 16.12 -23.10
C THR A 46 -10.37 15.19 -24.30
N VAL A 47 -11.51 14.87 -24.90
CA VAL A 47 -11.50 14.07 -26.12
C VAL A 47 -10.77 14.82 -27.23
N THR A 48 -11.07 16.12 -27.38
CA THR A 48 -10.40 16.91 -28.41
C THR A 48 -8.91 17.01 -28.15
N MET A 49 -8.54 17.38 -26.92
CA MET A 49 -7.12 17.43 -26.56
C MET A 49 -6.43 16.11 -26.88
N ALA A 50 -7.07 15.00 -26.50
CA ALA A 50 -6.49 13.67 -26.75
C ALA A 50 -6.31 13.40 -28.24
N LYS A 51 -7.31 13.73 -29.07
CA LYS A 51 -7.14 13.54 -30.50
C LYS A 51 -6.00 14.39 -31.04
N VAL A 52 -5.87 15.63 -30.53
CA VAL A 52 -4.78 16.49 -30.97
C VAL A 52 -3.44 15.90 -30.53
N ILE A 53 -3.35 15.44 -29.29
CA ILE A 53 -2.11 14.86 -28.77
C ILE A 53 -1.72 13.63 -29.58
N GLU A 54 -2.68 12.74 -29.86
CA GLU A 54 -2.39 11.57 -30.67
C GLU A 54 -1.94 11.97 -32.08
N ALA A 55 -2.61 12.95 -32.67
CA ALA A 55 -2.29 13.33 -34.05
C ALA A 55 -0.86 13.86 -34.17
N LEU A 56 -0.34 14.51 -33.14
CA LEU A 56 0.96 15.14 -33.25
C LEU A 56 2.09 14.31 -32.68
N GLY A 57 1.79 13.30 -31.85
CA GLY A 57 2.78 12.34 -31.41
C GLY A 57 3.84 12.87 -30.47
N ARG A 58 3.64 14.04 -29.89
CA ARG A 58 4.60 14.66 -29.00
C ARG A 58 4.17 14.54 -27.55
N PRO A 59 5.10 14.45 -26.60
CA PRO A 59 4.71 14.53 -25.18
C PRO A 59 3.99 15.85 -24.91
N ALA A 60 3.14 15.82 -23.88
CA ALA A 60 2.22 16.93 -23.65
C ALA A 60 2.20 17.32 -22.18
N LEU A 61 2.18 18.62 -21.93
CA LEU A 61 2.01 19.18 -20.59
C LEU A 61 0.66 19.90 -20.54
N VAL A 62 -0.16 19.55 -19.55
CA VAL A 62 -1.50 20.12 -19.40
C VAL A 62 -1.61 20.71 -18.01
N LEU A 63 -1.85 22.02 -17.93
CA LEU A 63 -1.93 22.72 -16.65
C LEU A 63 -3.38 23.07 -16.35
N ALA A 64 -3.74 22.93 -15.08
CA ALA A 64 -5.07 23.23 -14.58
C ALA A 64 -4.99 24.24 -13.45
N PRO A 65 -6.08 24.97 -13.17
CA PRO A 65 -6.03 25.97 -12.08
C PRO A 65 -5.66 25.39 -10.73
N ASN A 66 -5.96 24.13 -10.46
CA ASN A 66 -5.70 23.59 -9.14
C ASN A 66 -5.58 22.08 -9.21
N LYS A 67 -5.01 21.50 -8.15
CA LYS A 67 -4.76 20.07 -8.09
C LYS A 67 -6.02 19.24 -8.32
N ILE A 68 -7.18 19.75 -7.91
CA ILE A 68 -8.41 18.98 -8.03
C ILE A 68 -8.78 18.82 -9.50
N LEU A 69 -8.74 19.91 -10.26
CA LEU A 69 -9.06 19.83 -11.68
C LEU A 69 -7.97 19.09 -12.45
N ALA A 70 -6.72 19.19 -12.01
CA ALA A 70 -5.66 18.38 -12.62
C ALA A 70 -5.93 16.90 -12.43
N ALA A 71 -6.41 16.52 -11.23
CA ALA A 71 -6.74 15.13 -10.97
C ALA A 71 -7.88 14.66 -11.87
N GLN A 72 -8.89 15.50 -12.07
CA GLN A 72 -10.00 15.14 -12.95
C GLN A 72 -9.50 14.94 -14.38
N LEU A 73 -8.65 15.85 -14.86
CA LEU A 73 -8.12 15.73 -16.21
C LEU A 73 -7.27 14.48 -16.36
N ALA A 74 -6.38 14.23 -15.39
CA ALA A 74 -5.54 13.03 -15.45
C ALA A 74 -6.38 11.76 -15.53
N ALA A 75 -7.43 11.68 -14.72
CA ALA A 75 -8.31 10.51 -14.74
C ALA A 75 -8.93 10.32 -16.12
N GLU A 76 -9.42 11.40 -16.72
CA GLU A 76 -9.99 11.29 -18.06
C GLU A 76 -8.94 10.83 -19.05
N PHE A 77 -7.73 11.36 -18.96
CA PHE A 77 -6.67 10.99 -19.88
C PHE A 77 -6.22 9.54 -19.68
N ARG A 78 -6.22 9.08 -18.43
CA ARG A 78 -5.87 7.68 -18.17
C ARG A 78 -6.84 6.74 -18.87
N GLU A 79 -8.12 7.13 -18.95
CA GLU A 79 -9.09 6.32 -19.67
C GLU A 79 -8.88 6.39 -21.19
N LEU A 80 -8.56 7.57 -21.71
CA LEU A 80 -8.39 7.73 -23.14
C LEU A 80 -7.08 7.15 -23.64
N PHE A 81 -6.08 7.02 -22.79
CA PHE A 81 -4.80 6.40 -23.14
C PHE A 81 -4.43 5.39 -22.06
N PRO A 82 -5.10 4.24 -22.05
CA PRO A 82 -4.81 3.24 -21.00
C PRO A 82 -3.43 2.63 -21.10
N GLU A 83 -2.80 2.72 -22.27
CA GLU A 83 -1.51 2.09 -22.52
C GLU A 83 -0.37 3.10 -22.59
N ASN A 84 -0.61 4.34 -22.20
CA ASN A 84 0.42 5.37 -22.23
C ASN A 84 0.58 5.94 -20.83
N ALA A 85 1.69 6.62 -20.61
CA ALA A 85 2.02 7.17 -19.30
C ALA A 85 1.32 8.51 -19.13
N VAL A 86 0.24 8.53 -18.34
CA VAL A 86 -0.44 9.76 -17.98
C VAL A 86 -0.02 10.09 -16.56
N GLU A 87 0.87 11.06 -16.42
CA GLU A 87 1.43 11.43 -15.14
C GLU A 87 0.65 12.59 -14.52
N TYR A 88 0.65 12.62 -13.19
CA TYR A 88 -0.02 13.63 -12.40
C TYR A 88 1.04 14.31 -11.54
N PHE A 89 1.25 15.59 -11.79
CA PHE A 89 2.34 16.35 -11.16
C PHE A 89 1.73 17.42 -10.28
N ILE A 90 1.97 17.33 -8.98
CA ILE A 90 1.52 18.31 -8.00
C ILE A 90 2.69 18.60 -7.07
N SER A 91 2.49 19.55 -6.15
CA SER A 91 3.55 19.92 -5.22
C SER A 91 2.96 20.17 -3.85
N TYR A 92 3.85 20.14 -2.85
CA TYR A 92 3.52 20.49 -1.47
C TYR A 92 2.62 21.72 -1.42
N TYR A 93 2.91 22.71 -2.26
CA TYR A 93 2.19 23.98 -2.23
C TYR A 93 0.75 23.87 -2.72
N ASP A 94 0.37 22.75 -3.35
CA ASP A 94 -1.04 22.52 -3.67
C ASP A 94 -1.86 22.15 -2.45
N TYR A 95 -1.24 21.63 -1.40
CA TYR A 95 -1.97 21.14 -0.24
C TYR A 95 -1.65 21.89 1.05
N TYR A 96 -0.44 22.43 1.20
CA TYR A 96 0.00 22.98 2.47
C TYR A 96 0.47 24.43 2.30
N GLN A 97 0.51 25.13 3.44
CA GLN A 97 0.94 26.52 3.53
C GLN A 97 2.46 26.61 3.45
N PRO A 98 2.98 27.56 2.68
CA PRO A 98 4.43 27.73 2.59
C PRO A 98 4.99 28.39 3.84
N GLU A 99 6.32 28.43 3.90
CA GLU A 99 6.98 29.24 4.91
C GLU A 99 6.64 30.70 4.67
N ALA A 100 6.32 31.43 5.75
CA ALA A 100 5.96 32.84 5.61
C ALA A 100 6.16 33.54 6.94
N TYR A 101 6.27 34.86 6.87
CA TYR A 101 6.37 35.71 8.05
C TYR A 101 5.59 36.98 7.76
N VAL A 102 4.62 37.29 8.62
CA VAL A 102 3.87 38.54 8.53
C VAL A 102 4.43 39.50 9.58
N PRO A 103 5.11 40.57 9.18
CA PRO A 103 5.74 41.44 10.18
C PRO A 103 4.75 42.16 11.07
N GLY A 104 3.62 42.58 10.53
CA GLY A 104 2.64 43.34 11.31
C GLY A 104 2.14 42.60 12.54
N LYS A 105 2.32 41.28 12.58
CA LYS A 105 1.83 40.47 13.69
C LYS A 105 2.93 39.60 14.31
N ASP A 106 4.19 39.77 13.87
CA ASP A 106 5.33 39.02 14.41
C ASP A 106 5.01 37.52 14.47
N LEU A 107 4.59 36.99 13.33
CA LEU A 107 4.09 35.62 13.26
C LEU A 107 4.89 34.85 12.21
N TYR A 108 5.52 33.76 12.63
CA TYR A 108 6.24 32.88 11.72
C TYR A 108 5.41 31.63 11.48
N ILE A 109 5.18 31.34 10.21
CA ILE A 109 4.41 30.17 9.79
C ILE A 109 5.39 29.19 9.18
N GLU A 110 5.56 28.04 9.82
CA GLU A 110 6.57 27.09 9.39
C GLU A 110 6.04 26.20 8.28
N LYS A 111 6.96 25.70 7.45
CA LYS A 111 6.59 24.68 6.47
C LYS A 111 6.06 23.45 7.19
N ASP A 112 5.01 22.85 6.63
CA ASP A 112 4.39 21.70 7.27
C ASP A 112 5.36 20.52 7.22
N ALA A 113 5.69 19.96 8.40
CA ALA A 113 6.63 18.85 8.44
C ALA A 113 5.94 17.52 8.13
N SER A 114 4.72 17.33 8.63
CA SER A 114 3.97 16.10 8.40
C SER A 114 3.41 16.15 6.98
N ILE A 115 4.13 15.53 6.04
CA ILE A 115 3.84 15.65 4.62
C ILE A 115 3.43 14.29 4.07
N ASN A 116 2.50 14.31 3.12
CA ASN A 116 2.11 13.08 2.43
C ASN A 116 3.25 12.62 1.53
N PRO A 117 3.69 11.36 1.64
CA PRO A 117 4.74 10.87 0.73
C PRO A 117 4.26 10.64 -0.69
N GLU A 118 2.95 10.56 -0.93
CA GLU A 118 2.44 10.41 -2.30
C GLU A 118 2.87 11.57 -3.20
N ILE A 119 2.98 12.78 -2.65
CA ILE A 119 3.33 13.93 -3.48
C ILE A 119 4.69 13.72 -4.15
N GLU A 120 5.72 13.43 -3.36
CA GLU A 120 7.03 13.19 -3.94
C GLU A 120 7.02 11.96 -4.84
N ARG A 121 6.16 10.98 -4.56
CA ARG A 121 6.11 9.78 -5.38
C ARG A 121 5.58 10.10 -6.77
N LEU A 122 4.50 10.90 -6.84
CA LEU A 122 3.97 11.33 -8.12
C LEU A 122 4.97 12.18 -8.87
N ARG A 123 5.61 13.12 -8.18
CA ARG A 123 6.61 13.97 -8.83
C ARG A 123 7.72 13.12 -9.44
N HIS A 124 8.14 12.08 -8.71
CA HIS A 124 9.23 11.23 -9.18
C HIS A 124 8.75 10.29 -10.28
N SER A 125 7.51 9.82 -10.19
CA SER A 125 6.93 9.05 -11.28
C SER A 125 6.91 9.88 -12.56
N THR A 126 6.67 11.19 -12.43
CA THR A 126 6.57 12.05 -13.59
C THR A 126 7.93 12.20 -14.28
N THR A 127 8.97 12.57 -13.52
CA THR A 127 10.29 12.76 -14.13
C THR A 127 10.88 11.45 -14.62
N ARG A 128 10.57 10.33 -13.95
CA ARG A 128 11.01 9.04 -14.45
C ARG A 128 10.40 8.75 -15.82
N SER A 129 9.09 8.95 -15.95
CA SER A 129 8.43 8.72 -17.24
C SER A 129 9.00 9.64 -18.32
N LEU A 130 9.20 10.93 -18.00
CA LEU A 130 9.61 11.89 -19.01
C LEU A 130 11.00 11.58 -19.57
N LEU A 131 11.81 10.82 -18.85
CA LEU A 131 13.11 10.42 -19.38
C LEU A 131 13.07 9.06 -20.06
N THR A 132 12.20 8.16 -19.63
CA THR A 132 12.22 6.78 -20.11
C THR A 132 11.29 6.50 -21.28
N ARG A 133 10.44 7.45 -21.67
CA ARG A 133 9.48 7.18 -22.75
C ARG A 133 8.96 8.48 -23.34
N ARG A 134 8.47 8.39 -24.58
CA ARG A 134 7.91 9.55 -25.26
C ARG A 134 6.41 9.70 -25.06
N ASP A 135 5.69 8.61 -24.76
CA ASP A 135 4.23 8.66 -24.71
C ASP A 135 3.76 9.09 -23.33
N VAL A 136 4.18 10.30 -22.96
CA VAL A 136 3.85 10.90 -21.66
C VAL A 136 2.89 12.06 -21.88
N ILE A 137 1.86 12.12 -21.03
CA ILE A 137 1.05 13.32 -20.85
C ILE A 137 1.11 13.63 -19.36
N VAL A 138 1.71 14.77 -19.01
CA VAL A 138 1.74 15.21 -17.63
C VAL A 138 0.61 16.20 -17.43
N VAL A 139 -0.21 15.96 -16.41
CA VAL A 139 -1.27 16.88 -16.03
C VAL A 139 -0.87 17.45 -14.67
N ALA A 140 -0.80 18.77 -14.58
CA ALA A 140 -0.28 19.38 -13.37
C ALA A 140 -1.07 20.64 -13.06
N SER A 141 -1.02 21.04 -11.79
CA SER A 141 -1.38 22.39 -11.44
C SER A 141 -0.32 23.34 -11.97
N VAL A 142 -0.52 24.63 -11.73
CA VAL A 142 0.46 25.62 -12.14
C VAL A 142 1.81 25.42 -11.45
N SER A 143 1.87 24.59 -10.40
CA SER A 143 3.10 24.28 -9.67
C SER A 143 4.13 23.51 -10.50
N ALA A 144 3.78 23.08 -11.71
CA ALA A 144 4.82 22.55 -12.61
C ALA A 144 5.91 23.58 -12.84
N ILE A 145 5.55 24.87 -12.86
CA ILE A 145 6.48 25.93 -13.21
C ILE A 145 7.18 26.53 -12.00
N TYR A 146 7.01 25.93 -10.83
CA TYR A 146 7.93 26.17 -9.73
C TYR A 146 9.24 25.41 -9.99
N GLY A 147 10.32 25.90 -9.40
CA GLY A 147 11.66 25.35 -9.53
C GLY A 147 11.83 23.85 -9.28
N LEU A 148 12.86 23.29 -9.92
CA LEU A 148 13.25 21.88 -9.76
C LEU A 148 14.74 21.80 -10.02
N GLY A 149 15.32 20.62 -9.79
CA GLY A 149 16.76 20.46 -9.89
C GLY A 149 17.24 20.23 -11.31
N ASP A 150 18.56 20.14 -11.44
CA ASP A 150 19.21 19.91 -12.72
C ASP A 150 18.76 18.57 -13.31
N PRO A 151 18.07 18.54 -14.46
CA PRO A 151 17.72 17.26 -15.06
C PRO A 151 18.86 16.59 -15.80
N ARG A 152 19.94 17.32 -16.09
CA ARG A 152 21.13 16.69 -16.67
C ARG A 152 21.76 15.72 -15.68
N GLU A 153 21.76 16.06 -14.39
CA GLU A 153 22.26 15.16 -13.36
C GLU A 153 21.25 14.06 -13.03
N TYR A 154 19.96 14.40 -12.98
CA TYR A 154 18.93 13.38 -12.79
C TYR A 154 19.04 12.30 -13.86
N ARG A 155 19.24 12.72 -15.11
CA ARG A 155 19.42 11.77 -16.22
C ARG A 155 20.67 10.92 -16.02
N ALA A 156 21.81 11.56 -15.77
CA ALA A 156 23.10 10.87 -15.81
C ALA A 156 23.30 9.95 -14.60
N ARG A 157 22.68 10.26 -13.46
CA ARG A 157 22.90 9.51 -12.23
C ARG A 157 21.85 8.41 -12.06
N ASN A 158 22.00 7.38 -12.88
CA ASN A 158 21.17 6.20 -12.76
C ASN A 158 22.02 5.02 -12.26
N LEU A 159 21.41 3.84 -12.21
CA LEU A 159 22.03 2.68 -11.60
C LEU A 159 21.38 1.44 -12.22
N VAL A 160 22.17 0.66 -12.96
CA VAL A 160 21.66 -0.49 -13.68
C VAL A 160 22.06 -1.76 -12.94
N VAL A 161 21.08 -2.60 -12.61
CA VAL A 161 21.32 -3.89 -11.99
C VAL A 161 20.78 -4.97 -12.92
N GLU A 162 21.61 -5.95 -13.23
CA GLU A 162 21.16 -7.14 -13.94
C GLU A 162 21.35 -8.36 -13.04
N ARG A 163 20.45 -9.33 -13.21
CA ARG A 163 20.61 -10.60 -12.53
C ARG A 163 21.63 -11.44 -13.26
N GLY A 164 22.28 -12.34 -12.53
CA GLY A 164 23.34 -13.14 -13.13
C GLY A 164 24.58 -12.37 -13.47
N LYS A 165 24.83 -11.25 -12.77
CA LYS A 165 26.03 -10.44 -12.89
C LYS A 165 26.25 -9.75 -11.55
N PRO A 166 27.50 -9.54 -11.14
CA PRO A 166 27.81 -8.50 -10.16
C PRO A 166 28.15 -7.24 -10.92
N TYR A 167 28.23 -6.09 -10.22
CA TYR A 167 27.77 -5.67 -8.87
C TYR A 167 28.06 -6.35 -7.53
N PRO A 168 29.26 -6.13 -7.02
CA PRO A 168 29.56 -6.40 -5.59
C PRO A 168 28.71 -5.54 -4.67
N ARG A 169 28.60 -5.99 -3.41
CA ARG A 169 27.73 -5.35 -2.43
C ARG A 169 28.14 -3.93 -2.08
N GLU A 170 29.33 -3.75 -1.50
CA GLU A 170 29.69 -2.45 -0.90
C GLU A 170 29.69 -1.33 -1.93
N VAL A 171 29.75 -1.65 -3.21
CA VAL A 171 29.63 -0.63 -4.25
C VAL A 171 28.17 -0.22 -4.46
N LEU A 172 27.27 -1.20 -4.45
CA LEU A 172 25.84 -0.93 -4.60
C LEU A 172 25.33 -0.02 -3.52
N LEU A 173 25.84 -0.15 -2.31
CA LEU A 173 25.40 0.74 -1.25
C LEU A 173 26.01 2.12 -1.44
N GLU A 174 27.18 2.21 -2.06
CA GLU A 174 27.74 3.52 -2.35
C GLU A 174 26.90 4.25 -3.39
N ARG A 175 26.59 3.57 -4.51
CA ARG A 175 25.81 4.18 -5.58
C ARG A 175 24.37 4.46 -5.15
N LEU A 176 23.84 3.72 -4.17
CA LEU A 176 22.51 4.05 -3.66
C LEU A 176 22.53 5.36 -2.89
N LEU A 177 23.55 5.57 -2.06
CA LEU A 177 23.69 6.84 -1.37
C LEU A 177 23.97 7.98 -2.34
N GLU A 178 24.64 7.69 -3.46
CA GLU A 178 24.88 8.72 -4.47
C GLU A 178 23.59 9.13 -5.17
N LEU A 179 22.60 8.24 -5.24
CA LEU A 179 21.30 8.58 -5.82
C LEU A 179 20.35 9.20 -4.80
N GLY A 180 20.80 9.44 -3.57
CA GLY A 180 19.98 10.10 -2.58
C GLY A 180 19.14 9.20 -1.71
N TYR A 181 19.31 7.88 -1.83
CA TYR A 181 18.52 6.94 -1.04
C TYR A 181 19.05 6.89 0.38
N GLN A 182 18.17 7.16 1.35
CA GLN A 182 18.52 7.02 2.75
C GLN A 182 18.45 5.55 3.16
N ARG A 183 19.26 5.18 4.15
CA ARG A 183 19.17 3.84 4.71
C ARG A 183 18.26 3.87 5.93
N ASN A 184 17.20 3.06 5.90
CA ASN A 184 16.34 2.86 7.05
C ASN A 184 15.89 1.42 7.04
N ASP A 185 16.31 0.65 8.03
CA ASP A 185 15.93 -0.74 8.13
C ASP A 185 14.64 -0.95 8.90
N ILE A 186 14.19 0.05 9.67
CA ILE A 186 12.94 -0.05 10.41
C ILE A 186 11.77 0.07 9.43
N ASP A 187 11.65 1.24 8.80
CA ASP A 187 10.52 1.59 7.94
C ASP A 187 11.05 1.81 6.53
N LEU A 188 10.73 0.87 5.64
CA LEU A 188 11.14 0.97 4.24
C LEU A 188 10.04 1.69 3.48
N SER A 189 10.25 2.98 3.20
CA SER A 189 9.31 3.77 2.41
C SER A 189 10.04 4.26 1.16
N PRO A 190 9.32 4.73 0.13
CA PRO A 190 9.99 5.16 -1.11
C PRO A 190 11.17 6.09 -0.85
N GLY A 191 12.18 5.96 -1.70
CA GLY A 191 13.41 6.73 -1.53
C GLY A 191 14.31 6.25 -0.43
N ARG A 192 14.13 5.01 0.04
CA ARG A 192 14.96 4.45 1.09
C ARG A 192 15.31 3.01 0.73
N PHE A 193 16.31 2.47 1.43
CA PHE A 193 16.77 1.10 1.19
C PHE A 193 17.12 0.46 2.52
N ARG A 194 17.25 -0.87 2.49
CA ARG A 194 17.55 -1.67 3.68
C ARG A 194 18.45 -2.83 3.29
N ALA A 195 19.49 -3.05 4.08
CA ALA A 195 20.42 -4.15 3.87
C ALA A 195 20.61 -4.89 5.18
N LYS A 196 20.17 -6.15 5.22
CA LYS A 196 20.53 -7.07 6.29
C LYS A 196 21.13 -8.30 5.63
N GLY A 197 22.41 -8.55 5.89
CA GLY A 197 23.06 -9.72 5.30
C GLY A 197 23.28 -9.54 3.81
N GLU A 198 23.09 -10.63 3.08
CA GLU A 198 23.23 -10.62 1.63
C GLU A 198 21.95 -10.20 0.91
N VAL A 199 21.02 -9.56 1.62
CA VAL A 199 19.73 -9.17 1.07
C VAL A 199 19.64 -7.64 1.09
N LEU A 200 19.19 -7.08 -0.03
CA LEU A 200 19.09 -5.63 -0.21
C LEU A 200 17.68 -5.29 -0.68
N GLU A 201 16.99 -4.44 0.06
CA GLU A 201 15.65 -4.00 -0.30
C GLU A 201 15.70 -2.53 -0.69
N ILE A 202 15.39 -2.25 -1.96
CA ILE A 202 15.45 -0.90 -2.53
C ILE A 202 14.04 -0.46 -2.88
N PHE A 203 13.60 0.66 -2.29
CA PHE A 203 12.30 1.25 -2.60
C PHE A 203 12.50 2.46 -3.50
N PRO A 204 12.38 2.32 -4.82
CA PRO A 204 12.58 3.47 -5.71
C PRO A 204 11.60 4.58 -5.38
N ALA A 205 12.07 5.83 -5.57
CA ALA A 205 11.30 6.99 -5.16
C ALA A 205 10.00 7.15 -5.95
N TYR A 206 9.91 6.54 -7.13
CA TYR A 206 8.72 6.56 -7.97
C TYR A 206 7.82 5.35 -7.77
N GLU A 207 8.25 4.34 -7.03
CA GLU A 207 7.62 3.02 -7.04
C GLU A 207 6.60 2.86 -5.93
N THR A 208 5.59 2.04 -6.22
CA THR A 208 4.62 1.58 -5.23
C THR A 208 5.05 0.29 -4.56
N GLU A 209 6.03 -0.41 -5.12
CA GLU A 209 6.48 -1.71 -4.62
C GLU A 209 8.00 -1.81 -4.66
N PRO A 210 8.65 -2.02 -3.52
CA PRO A 210 10.12 -2.10 -3.51
C PRO A 210 10.64 -3.36 -4.18
N ILE A 211 11.94 -3.35 -4.48
CA ILE A 211 12.62 -4.44 -5.16
C ILE A 211 13.53 -5.15 -4.17
N ARG A 212 13.54 -6.48 -4.24
CA ARG A 212 14.37 -7.32 -3.39
C ARG A 212 15.55 -7.85 -4.20
N VAL A 213 16.77 -7.49 -3.79
CA VAL A 213 17.99 -7.94 -4.43
C VAL A 213 18.70 -8.91 -3.49
N GLU A 214 18.92 -10.13 -3.95
CA GLU A 214 19.58 -11.17 -3.17
C GLU A 214 20.96 -11.44 -3.75
N LEU A 215 21.97 -11.41 -2.88
CA LEU A 215 23.37 -11.49 -3.30
C LEU A 215 24.02 -12.77 -2.80
N PHE A 216 24.76 -13.44 -3.68
CA PHE A 216 25.60 -14.57 -3.32
C PHE A 216 27.04 -14.19 -3.67
N GLY A 217 27.78 -13.71 -2.67
CA GLY A 217 29.05 -13.08 -2.97
C GLY A 217 28.80 -11.79 -3.71
N ASP A 218 29.54 -11.57 -4.80
CA ASP A 218 29.27 -10.42 -5.64
C ASP A 218 28.07 -10.63 -6.55
N GLU A 219 27.75 -11.87 -6.89
CA GLU A 219 26.74 -12.14 -7.91
C GLU A 219 25.35 -11.75 -7.43
N VAL A 220 24.59 -11.12 -8.32
CA VAL A 220 23.18 -10.83 -8.07
C VAL A 220 22.42 -12.12 -8.29
N GLU A 221 22.10 -12.82 -7.21
CA GLU A 221 21.47 -14.13 -7.32
C GLU A 221 20.04 -14.02 -7.81
N ARG A 222 19.25 -13.16 -7.18
CA ARG A 222 17.81 -13.11 -7.44
C ARG A 222 17.31 -11.68 -7.33
N ILE A 223 16.35 -11.32 -8.18
CA ILE A 223 15.68 -10.02 -8.13
C ILE A 223 14.18 -10.25 -8.13
N SER A 224 13.48 -9.67 -7.14
CA SER A 224 12.04 -9.83 -7.03
C SER A 224 11.40 -8.54 -6.55
N GLN A 225 10.27 -8.18 -7.16
CA GLN A 225 9.50 -7.02 -6.72
C GLN A 225 8.47 -7.46 -5.68
N VAL A 226 8.48 -6.78 -4.55
CA VAL A 226 7.86 -7.28 -3.33
C VAL A 226 6.76 -6.31 -2.89
N HIS A 227 5.75 -6.84 -2.23
CA HIS A 227 4.67 -6.00 -1.74
C HIS A 227 5.16 -5.21 -0.52
N PRO A 228 4.73 -3.95 -0.37
CA PRO A 228 5.30 -3.12 0.71
C PRO A 228 4.93 -3.60 2.10
N VAL A 229 3.69 -4.03 2.31
CA VAL A 229 3.24 -4.34 3.67
C VAL A 229 3.40 -5.81 4.02
N THR A 230 3.29 -6.71 3.04
CA THR A 230 3.21 -8.13 3.32
C THR A 230 4.45 -8.92 2.93
N GLY A 231 5.39 -8.31 2.20
CA GLY A 231 6.57 -9.02 1.77
C GLY A 231 6.34 -10.02 0.66
N GLU A 232 5.10 -10.25 0.27
CA GLU A 232 4.77 -11.17 -0.81
C GLU A 232 5.54 -10.82 -2.08
N ARG A 233 6.21 -11.82 -2.65
CA ARG A 233 6.86 -11.65 -3.95
C ARG A 233 5.79 -11.57 -5.03
N LEU A 234 5.85 -10.51 -5.84
CA LEU A 234 4.87 -10.28 -6.89
C LEU A 234 5.41 -10.56 -8.29
N ARG A 235 6.71 -10.37 -8.50
CA ARG A 235 7.33 -10.56 -9.80
C ARG A 235 8.80 -10.85 -9.61
N GLU A 236 9.38 -11.61 -10.54
CA GLU A 236 10.81 -11.66 -10.68
C GLU A 236 11.24 -10.65 -11.74
N LEU A 237 12.42 -10.07 -11.54
CA LEU A 237 12.90 -9.05 -12.45
C LEU A 237 14.24 -9.48 -13.05
N PRO A 238 14.39 -9.43 -14.38
CA PRO A 238 15.72 -9.67 -14.96
C PRO A 238 16.73 -8.63 -14.52
N GLY A 239 16.28 -7.39 -14.44
CA GLY A 239 17.09 -6.28 -13.97
C GLY A 239 16.24 -5.04 -13.95
N PHE A 240 16.86 -3.92 -13.60
CA PHE A 240 16.11 -2.67 -13.50
C PHE A 240 17.07 -1.49 -13.53
N VAL A 241 16.52 -0.34 -13.91
CA VAL A 241 17.25 0.93 -13.90
C VAL A 241 16.70 1.75 -12.74
N LEU A 242 17.57 2.07 -11.79
CA LEU A 242 17.17 2.89 -10.65
C LEU A 242 17.48 4.36 -10.92
N PHE A 243 16.46 5.21 -10.82
CA PHE A 243 16.62 6.65 -10.94
C PHE A 243 16.68 7.30 -9.56
N PRO A 244 17.20 8.52 -9.47
CA PRO A 244 17.54 9.09 -8.16
C PRO A 244 16.33 9.31 -7.26
N ALA A 245 16.63 9.61 -6.00
CA ALA A 245 15.63 9.82 -4.96
C ALA A 245 15.46 11.29 -4.58
N THR A 246 16.25 12.20 -5.16
CA THR A 246 15.95 13.62 -5.12
C THR A 246 16.11 14.19 -6.53
N HIS A 247 15.46 15.31 -6.75
CA HIS A 247 15.65 16.05 -7.99
C HIS A 247 16.74 17.08 -7.87
N TYR A 248 17.32 17.27 -6.68
CA TYR A 248 18.43 18.18 -6.46
C TYR A 248 19.72 17.38 -6.36
N LEU A 249 20.40 17.25 -7.49
CA LEU A 249 21.60 16.44 -7.64
C LEU A 249 22.65 17.25 -8.38
N SER A 250 23.86 17.31 -7.83
CA SER A 250 24.90 18.16 -8.39
C SER A 250 26.15 17.36 -8.71
N PRO A 251 26.89 17.75 -9.76
CA PRO A 251 28.20 17.13 -10.00
C PRO A 251 29.28 17.65 -9.08
N GLU A 252 29.09 18.80 -8.45
CA GLU A 252 29.98 19.28 -7.41
C GLU A 252 29.72 18.50 -6.12
N GLY A 253 30.76 18.42 -5.27
CA GLY A 253 30.64 17.67 -4.04
C GLY A 253 29.83 18.39 -2.99
N LEU A 254 29.25 17.61 -2.07
CA LEU A 254 28.38 18.17 -1.04
C LEU A 254 29.15 19.14 -0.14
N GLU A 255 30.34 18.73 0.32
CA GLU A 255 31.15 19.62 1.15
C GLU A 255 31.46 20.92 0.43
N GLU A 256 31.76 20.86 -0.87
CA GLU A 256 32.03 22.07 -1.63
C GLU A 256 30.78 22.95 -1.67
N ILE A 257 29.61 22.35 -1.90
CA ILE A 257 28.36 23.11 -1.93
C ILE A 257 28.12 23.79 -0.59
N LEU A 258 28.24 23.03 0.50
CA LEU A 258 28.01 23.59 1.81
C LEU A 258 28.97 24.74 2.10
N LYS A 259 30.18 24.68 1.55
CA LYS A 259 31.13 25.79 1.69
C LYS A 259 30.61 27.03 0.97
N GLU A 260 30.19 26.89 -0.29
CA GLU A 260 29.62 28.00 -1.03
C GLU A 260 28.46 28.64 -0.25
N ILE A 261 27.60 27.82 0.36
CA ILE A 261 26.43 28.34 1.07
C ILE A 261 26.86 29.11 2.32
N GLU A 262 27.79 28.53 3.11
CA GLU A 262 28.25 29.22 4.31
C GLU A 262 28.89 30.56 3.96
N LYS A 263 29.61 30.63 2.84
CA LYS A 263 30.15 31.90 2.39
C LYS A 263 29.06 32.97 2.32
N GLU A 264 27.93 32.63 1.70
CA GLU A 264 26.84 33.59 1.62
C GLU A 264 26.25 33.87 3.00
N LEU A 265 26.22 32.87 3.88
CA LEU A 265 25.65 33.07 5.20
C LEU A 265 26.40 34.14 5.98
N TRP A 266 27.74 34.13 5.91
CA TRP A 266 28.50 35.04 6.73
C TRP A 266 28.51 36.45 6.14
N GLU A 267 28.50 36.56 4.81
CA GLU A 267 28.27 37.86 4.18
C GLU A 267 26.95 38.45 4.68
N ARG A 268 25.88 37.66 4.66
CA ARG A 268 24.57 38.18 5.03
C ARG A 268 24.51 38.53 6.51
N VAL A 269 25.19 37.76 7.35
CA VAL A 269 25.28 38.10 8.78
C VAL A 269 26.05 39.39 8.97
N ARG A 270 27.15 39.56 8.21
CA ARG A 270 27.87 40.83 8.21
C ARG A 270 26.94 41.98 7.86
N TYR A 271 26.06 41.77 6.88
CA TYR A 271 25.09 42.78 6.50
C TYR A 271 24.16 43.13 7.65
N PHE A 272 23.59 42.11 8.30
CA PHE A 272 22.67 42.37 9.39
C PHE A 272 23.38 43.00 10.58
N GLU A 273 24.54 42.46 10.95
CA GLU A 273 25.27 42.98 12.10
C GLU A 273 25.70 44.43 11.87
N GLU A 274 26.17 44.75 10.67
CA GLU A 274 26.53 46.13 10.38
C GLU A 274 25.34 47.06 10.50
N ARG A 275 24.12 46.54 10.35
CA ARG A 275 22.90 47.32 10.50
C ARG A 275 22.37 47.33 11.91
N GLY A 276 23.03 46.64 12.84
CA GLY A 276 22.52 46.49 14.18
C GLY A 276 21.40 45.47 14.32
N GLU A 277 21.15 44.67 13.29
CA GLU A 277 20.02 43.74 13.30
C GLU A 277 20.50 42.38 13.80
N VAL A 278 20.86 42.36 15.08
CA VAL A 278 21.39 41.17 15.74
C VAL A 278 20.40 40.01 15.63
N LEU A 279 19.13 40.29 15.93
CA LEU A 279 18.11 39.23 15.94
C LEU A 279 18.01 38.55 14.58
N TYR A 280 18.09 39.33 13.50
CA TYR A 280 17.97 38.74 12.16
C TYR A 280 19.19 37.86 11.87
N ALA A 281 20.37 38.30 12.28
CA ALA A 281 21.58 37.51 12.06
C ALA A 281 21.51 36.17 12.79
N GLN A 282 21.11 36.20 14.07
CA GLN A 282 21.09 34.96 14.84
C GLN A 282 19.94 34.07 14.40
N ARG A 283 18.83 34.66 13.99
CA ARG A 283 17.77 33.89 13.33
C ARG A 283 18.33 33.18 12.11
N LEU A 284 19.08 33.91 11.28
CA LEU A 284 19.56 33.36 10.01
C LEU A 284 20.62 32.29 10.22
N LYS A 285 21.49 32.47 11.22
CA LYS A 285 22.49 31.46 11.53
C LYS A 285 21.83 30.18 12.03
N GLU A 286 20.97 30.29 13.04
CA GLU A 286 20.26 29.13 13.58
C GLU A 286 19.60 28.33 12.46
N ARG A 287 18.84 29.00 11.60
CA ARG A 287 18.08 28.25 10.60
C ARG A 287 18.99 27.69 9.52
N THR A 288 19.95 28.48 9.05
CA THR A 288 20.80 28.01 7.95
C THR A 288 21.72 26.89 8.40
N LEU A 289 22.39 27.07 9.54
CA LEU A 289 23.34 26.07 10.00
C LEU A 289 22.64 24.76 10.31
N TYR A 290 21.50 24.82 11.00
CA TYR A 290 20.67 23.64 11.20
C TYR A 290 20.38 22.94 9.88
N ASP A 291 20.03 23.72 8.84
CA ASP A 291 19.72 23.14 7.53
C ASP A 291 20.94 22.47 6.93
N LEU A 292 22.10 23.15 6.96
CA LEU A 292 23.30 22.56 6.38
C LEU A 292 23.75 21.33 7.17
N GLU A 293 23.48 21.31 8.46
CA GLU A 293 23.87 20.14 9.24
C GLU A 293 23.00 18.94 8.92
N MET A 294 21.68 19.15 8.77
CA MET A 294 20.83 18.08 8.28
C MET A 294 21.26 17.61 6.90
N LEU A 295 21.71 18.54 6.06
CA LEU A 295 22.23 18.18 4.75
C LEU A 295 23.47 17.30 4.87
N ARG A 296 24.46 17.79 5.61
CA ARG A 296 25.75 17.12 5.70
C ARG A 296 25.63 15.68 6.18
N VAL A 297 24.67 15.42 7.08
CA VAL A 297 24.54 14.10 7.68
C VAL A 297 23.63 13.17 6.86
N MET A 298 22.60 13.71 6.20
CA MET A 298 21.65 12.89 5.46
C MET A 298 21.61 13.18 3.96
N GLY A 299 22.47 14.08 3.46
CA GLY A 299 22.46 14.44 2.05
C GLY A 299 21.27 15.28 1.61
N THR A 300 20.22 15.36 2.42
CA THR A 300 19.07 16.19 2.11
C THR A 300 18.55 16.78 3.41
N CYS A 301 17.70 17.78 3.28
CA CYS A 301 17.04 18.42 4.41
C CYS A 301 15.65 18.84 3.99
N PRO A 302 14.76 19.09 4.94
CA PRO A 302 13.48 19.74 4.60
C PRO A 302 13.73 21.15 4.08
N GLY A 303 13.03 21.50 3.00
CA GLY A 303 13.24 22.80 2.40
C GLY A 303 14.54 22.96 1.67
N VAL A 304 15.12 21.87 1.16
CA VAL A 304 16.38 21.96 0.43
C VAL A 304 16.22 22.86 -0.79
N GLU A 305 15.02 22.94 -1.35
CA GLU A 305 14.82 23.77 -2.54
C GLU A 305 15.20 25.23 -2.30
N ASN A 306 15.21 25.69 -1.04
CA ASN A 306 15.71 27.03 -0.74
C ASN A 306 17.15 27.23 -1.21
N TYR A 307 17.93 26.15 -1.29
CA TYR A 307 19.32 26.21 -1.71
C TYR A 307 19.51 25.74 -3.14
N ALA A 308 18.46 25.84 -3.95
CA ALA A 308 18.45 25.19 -5.27
C ALA A 308 19.50 25.78 -6.19
N ARG A 309 19.77 27.08 -6.08
CA ARG A 309 20.81 27.70 -6.90
C ARG A 309 22.15 27.02 -6.75
N TYR A 310 22.46 26.55 -5.54
CA TYR A 310 23.76 25.92 -5.27
C TYR A 310 23.84 24.50 -5.80
N PHE A 311 22.71 23.84 -6.02
CA PHE A 311 22.70 22.47 -6.54
C PHE A 311 22.56 22.42 -8.05
N THR A 312 22.28 23.54 -8.70
CA THR A 312 22.07 23.59 -10.15
C THR A 312 23.13 24.41 -10.88
N GLY A 313 23.96 25.15 -10.17
CA GLY A 313 24.92 25.99 -10.84
C GLY A 313 24.34 27.18 -11.56
N LYS A 314 23.11 27.58 -11.24
CA LYS A 314 22.58 28.79 -11.84
C LYS A 314 23.13 30.02 -11.12
N ALA A 315 23.11 31.14 -11.80
CA ALA A 315 23.61 32.40 -11.28
C ALA A 315 22.48 33.23 -10.73
N PRO A 316 22.76 34.15 -9.80
CA PRO A 316 21.69 35.00 -9.26
C PRO A 316 20.83 35.64 -10.34
N GLY A 317 19.52 35.64 -10.12
CA GLY A 317 18.58 36.19 -11.07
C GLY A 317 18.27 35.31 -12.25
N GLU A 318 19.17 34.40 -12.61
CA GLU A 318 18.90 33.46 -13.68
C GLU A 318 17.66 32.64 -13.33
N PRO A 319 16.84 32.30 -14.33
CA PRO A 319 15.66 31.46 -14.08
C PRO A 319 16.05 30.03 -13.78
N PRO A 320 15.36 29.38 -12.83
CA PRO A 320 15.74 28.03 -12.42
C PRO A 320 15.22 26.98 -13.39
N TYR A 321 15.71 25.76 -13.19
CA TYR A 321 15.14 24.60 -13.86
C TYR A 321 13.75 24.33 -13.33
N THR A 322 12.85 23.94 -14.22
CA THR A 322 11.50 23.53 -13.86
C THR A 322 11.21 22.21 -14.54
N LEU A 323 10.01 21.67 -14.30
CA LEU A 323 9.55 20.49 -14.99
C LEU A 323 9.70 20.65 -16.50
N LEU A 324 9.61 21.88 -17.01
CA LEU A 324 9.75 22.13 -18.44
C LEU A 324 11.05 21.57 -19.00
N ASP A 325 12.10 21.53 -18.18
CA ASP A 325 13.40 21.05 -18.65
C ASP A 325 13.51 19.54 -18.68
N TYR A 326 12.52 18.82 -18.15
CA TYR A 326 12.55 17.37 -18.14
C TYR A 326 11.85 16.76 -19.36
N PHE A 327 11.15 17.57 -20.15
CA PHE A 327 10.55 17.13 -21.39
C PHE A 327 11.59 17.05 -22.49
N PRO A 328 11.44 16.11 -23.45
CA PRO A 328 12.17 16.21 -24.70
C PRO A 328 11.79 17.50 -25.44
N GLU A 329 12.66 17.88 -26.38
CA GLU A 329 12.62 19.22 -26.96
C GLU A 329 11.27 19.60 -27.59
N ASP A 330 10.44 18.63 -27.96
CA ASP A 330 9.30 18.90 -28.82
C ASP A 330 7.96 18.71 -28.11
N PHE A 331 7.86 19.08 -26.83
CA PHE A 331 6.59 18.85 -26.15
C PHE A 331 5.56 19.93 -26.50
N LEU A 332 4.34 19.69 -26.04
CA LEU A 332 3.17 20.50 -26.38
C LEU A 332 2.45 20.90 -25.11
N VAL A 333 2.08 22.17 -24.98
CA VAL A 333 1.48 22.70 -23.76
C VAL A 333 0.01 23.00 -24.01
N PHE A 334 -0.85 22.56 -23.10
CA PHE A 334 -2.23 23.01 -23.01
C PHE A 334 -2.41 23.72 -21.68
N LEU A 335 -3.15 24.84 -21.73
CA LEU A 335 -3.51 25.59 -20.53
C LEU A 335 -5.03 25.52 -20.41
N ASP A 336 -5.51 24.57 -19.60
CA ASP A 336 -6.94 24.43 -19.36
C ASP A 336 -7.42 25.55 -18.45
N GLU A 337 -8.67 25.97 -18.67
CA GLU A 337 -9.24 27.15 -18.00
C GLU A 337 -8.32 28.34 -18.16
N SER A 338 -7.93 28.57 -19.41
CA SER A 338 -7.01 29.61 -19.83
C SER A 338 -7.23 30.96 -19.15
N HIS A 339 -8.50 31.35 -18.99
CA HIS A 339 -8.81 32.63 -18.36
C HIS A 339 -8.39 32.68 -16.90
N VAL A 340 -8.25 31.53 -16.23
CA VAL A 340 -7.73 31.47 -14.88
C VAL A 340 -6.25 31.15 -14.86
N THR A 341 -5.85 30.19 -15.70
CA THR A 341 -4.52 29.62 -15.64
C THR A 341 -3.46 30.61 -16.13
N VAL A 342 -3.80 31.46 -17.09
CA VAL A 342 -2.83 32.45 -17.59
C VAL A 342 -2.58 33.52 -16.54
N PRO A 343 -3.60 34.13 -15.91
CA PRO A 343 -3.29 35.07 -14.83
C PRO A 343 -2.48 34.47 -13.70
N GLN A 344 -2.77 33.21 -13.33
CA GLN A 344 -1.93 32.51 -12.36
C GLN A 344 -0.48 32.48 -12.79
N LEU A 345 -0.24 32.04 -14.03
CA LEU A 345 1.11 32.04 -14.57
C LEU A 345 1.71 33.44 -14.54
N GLN A 346 0.91 34.48 -14.79
CA GLN A 346 1.45 35.82 -14.87
C GLN A 346 1.88 36.33 -13.50
N GLY A 347 1.13 35.99 -12.45
CA GLY A 347 1.39 36.49 -11.12
C GLY A 347 2.12 35.56 -10.17
N MET A 348 2.61 34.40 -10.65
CA MET A 348 3.36 33.52 -9.76
C MET A 348 4.58 34.23 -9.17
N TYR A 349 5.35 34.91 -10.00
CA TYR A 349 6.61 35.49 -9.55
C TYR A 349 6.38 36.55 -8.48
N ARG A 350 5.61 37.60 -8.81
CA ARG A 350 5.42 38.69 -7.86
C ARG A 350 4.87 38.19 -6.53
N GLY A 351 3.97 37.21 -6.57
CA GLY A 351 3.39 36.71 -5.33
C GLY A 351 4.38 35.89 -4.53
N ASP A 352 5.14 35.04 -5.23
CA ASP A 352 6.20 34.28 -4.56
C ASP A 352 7.28 35.22 -4.04
N TYR A 353 7.69 36.19 -4.87
CA TYR A 353 8.71 37.14 -4.47
C TYR A 353 8.31 37.90 -3.22
N ALA A 354 7.06 38.39 -3.19
CA ALA A 354 6.57 39.09 -2.01
C ALA A 354 6.81 38.28 -0.74
N ARG A 355 6.47 36.99 -0.79
CA ARG A 355 6.55 36.14 0.39
C ARG A 355 8.01 35.94 0.83
N LYS A 356 8.88 35.61 -0.12
CA LYS A 356 10.26 35.29 0.24
C LYS A 356 11.08 36.52 0.58
N LYS A 357 10.75 37.67 0.00
CA LYS A 357 11.49 38.89 0.33
C LYS A 357 11.30 39.27 1.79
N THR A 358 10.10 39.06 2.33
CA THR A 358 9.90 39.28 3.77
C THR A 358 10.78 38.33 4.57
N LEU A 359 10.79 37.05 4.17
CA LEU A 359 11.63 36.08 4.85
C LEU A 359 13.10 36.46 4.79
N VAL A 360 13.52 37.02 3.66
CA VAL A 360 14.91 37.43 3.49
C VAL A 360 15.21 38.70 4.25
N ASP A 361 14.24 39.62 4.30
CA ASP A 361 14.46 40.89 4.99
C ASP A 361 14.63 40.69 6.49
N TYR A 362 13.92 39.73 7.07
CA TYR A 362 13.90 39.53 8.51
C TYR A 362 14.76 38.35 8.95
N GLY A 363 15.61 37.82 8.09
CA GLY A 363 16.60 36.84 8.48
C GLY A 363 16.14 35.40 8.52
N PHE A 364 15.02 35.06 7.90
CA PHE A 364 14.61 33.67 7.87
C PHE A 364 15.27 32.88 6.75
N ARG A 365 15.75 33.56 5.71
CA ARG A 365 16.30 32.89 4.55
C ARG A 365 17.39 33.76 3.94
N LEU A 366 18.35 33.10 3.29
CA LEU A 366 19.36 33.82 2.54
C LEU A 366 18.76 34.44 1.30
N PRO A 367 19.34 35.54 0.79
CA PRO A 367 18.84 36.10 -0.47
C PRO A 367 18.86 35.10 -1.63
N SER A 368 19.77 34.13 -1.61
CA SER A 368 19.79 33.12 -2.66
C SER A 368 18.49 32.33 -2.75
N ALA A 369 17.71 32.29 -1.66
CA ALA A 369 16.43 31.60 -1.70
C ALA A 369 15.48 32.20 -2.73
N LEU A 370 15.65 33.48 -3.06
CA LEU A 370 14.84 34.12 -4.08
C LEU A 370 15.06 33.51 -5.45
N ASP A 371 16.14 32.75 -5.64
CA ASP A 371 16.44 32.12 -6.92
C ASP A 371 15.74 30.78 -7.09
N ASN A 372 15.15 30.24 -6.03
CA ASN A 372 14.24 29.12 -6.13
C ASN A 372 12.84 29.71 -6.20
N ARG A 373 12.35 29.90 -7.42
CA ARG A 373 11.18 30.75 -7.65
C ARG A 373 10.44 30.23 -8.86
N PRO A 374 9.16 30.54 -8.98
CA PRO A 374 8.45 30.24 -10.24
C PRO A 374 8.97 31.10 -11.37
N LEU A 375 8.78 30.61 -12.60
CA LEU A 375 9.18 31.39 -13.76
C LEU A 375 8.34 32.65 -13.88
N ARG A 376 8.94 33.70 -14.43
CA ARG A 376 8.17 34.82 -14.93
C ARG A 376 7.43 34.39 -16.19
N PHE A 377 6.32 35.05 -16.47
CA PHE A 377 5.45 34.61 -17.57
C PHE A 377 6.18 34.62 -18.90
N GLU A 378 7.04 35.63 -19.14
CA GLU A 378 7.80 35.64 -20.39
C GLU A 378 8.92 34.60 -20.36
N GLU A 379 9.46 34.31 -19.19
CA GLU A 379 10.36 33.17 -19.06
C GLU A 379 9.65 31.88 -19.42
N PHE A 380 8.43 31.69 -18.93
CA PHE A 380 7.64 30.54 -19.32
C PHE A 380 7.46 30.48 -20.83
N LEU A 381 7.03 31.59 -21.44
CA LEU A 381 6.76 31.60 -22.88
C LEU A 381 8.02 31.33 -23.70
N GLU A 382 9.20 31.60 -23.14
CA GLU A 382 10.42 31.28 -23.87
C GLU A 382 10.80 29.81 -23.78
N ARG A 383 10.35 29.11 -22.71
CA ARG A 383 10.66 27.68 -22.58
C ARG A 383 9.73 26.79 -23.39
N VAL A 384 8.66 27.33 -23.95
CA VAL A 384 7.68 26.52 -24.65
C VAL A 384 7.66 26.95 -26.11
N SER A 385 7.35 26.00 -26.99
CA SER A 385 7.27 26.32 -28.41
C SER A 385 5.86 26.74 -28.82
N GLN A 386 4.85 25.95 -28.44
CA GLN A 386 3.47 26.21 -28.79
C GLN A 386 2.58 26.03 -27.58
N VAL A 387 1.60 26.90 -27.42
CA VAL A 387 0.66 26.84 -26.32
C VAL A 387 -0.75 26.79 -26.89
N VAL A 388 -1.57 25.90 -26.35
CA VAL A 388 -2.98 25.76 -26.71
C VAL A 388 -3.80 26.22 -25.53
N PHE A 389 -4.46 27.36 -25.65
CA PHE A 389 -5.32 27.86 -24.59
C PHE A 389 -6.70 27.22 -24.70
N VAL A 390 -7.17 26.63 -23.59
CA VAL A 390 -8.46 25.94 -23.53
C VAL A 390 -9.37 26.68 -22.57
N SER A 391 -10.47 27.22 -23.09
CA SER A 391 -11.43 27.94 -22.27
C SER A 391 -12.72 28.17 -23.05
N ALA A 392 -13.83 28.19 -22.34
CA ALA A 392 -15.09 28.65 -22.92
C ALA A 392 -15.29 30.15 -22.74
N THR A 393 -14.48 30.78 -21.89
CA THR A 393 -14.47 32.24 -21.73
C THR A 393 -13.02 32.72 -21.75
N PRO A 394 -12.34 32.58 -22.89
CA PRO A 394 -10.92 32.94 -22.94
C PRO A 394 -10.70 34.42 -22.63
N GLY A 395 -9.65 34.69 -21.86
CA GLY A 395 -9.38 36.02 -21.38
C GLY A 395 -8.57 36.84 -22.35
N PRO A 396 -8.24 38.06 -21.93
CA PRO A 396 -7.67 39.04 -22.86
C PRO A 396 -6.34 38.61 -23.47
N PHE A 397 -5.45 37.98 -22.70
CA PHE A 397 -4.17 37.57 -23.28
C PHE A 397 -4.37 36.58 -24.40
N GLU A 398 -5.24 35.58 -24.18
CA GLU A 398 -5.47 34.56 -25.19
C GLU A 398 -5.99 35.17 -26.50
N LEU A 399 -6.99 36.04 -26.40
CA LEU A 399 -7.57 36.62 -27.60
C LEU A 399 -6.63 37.62 -28.25
N ALA A 400 -5.79 38.30 -27.45
CA ALA A 400 -4.87 39.27 -28.02
C ALA A 400 -3.74 38.60 -28.79
N HIS A 401 -3.29 37.42 -28.36
CA HIS A 401 -2.07 36.85 -28.90
C HIS A 401 -2.27 35.61 -29.76
N SER A 402 -3.45 34.99 -29.73
CA SER A 402 -3.65 33.79 -30.53
C SER A 402 -3.67 34.13 -32.01
N GLY A 403 -2.98 33.30 -32.80
CA GLY A 403 -3.11 33.41 -34.25
C GLY A 403 -4.31 32.66 -34.77
N ARG A 404 -4.74 31.63 -34.05
CA ARG A 404 -5.93 30.85 -34.38
C ARG A 404 -6.77 30.67 -33.13
N VAL A 405 -8.08 30.76 -33.30
CA VAL A 405 -9.06 30.52 -32.25
C VAL A 405 -10.11 29.60 -32.86
N VAL A 406 -10.15 28.35 -32.41
CA VAL A 406 -10.98 27.30 -32.99
C VAL A 406 -12.15 27.03 -32.05
N GLU A 407 -13.34 26.98 -32.60
CA GLU A 407 -14.56 26.89 -31.79
C GLU A 407 -14.96 25.43 -31.60
N GLN A 408 -15.46 25.13 -30.40
CA GLN A 408 -16.12 23.85 -30.14
C GLN A 408 -17.25 24.15 -29.15
N ILE A 409 -18.41 24.49 -29.70
CA ILE A 409 -19.57 24.85 -28.90
C ILE A 409 -20.51 23.66 -28.97
N ILE A 410 -20.50 22.84 -27.94
CA ILE A 410 -21.42 21.71 -27.82
C ILE A 410 -22.17 21.92 -26.51
N ARG A 411 -23.30 22.60 -26.58
CA ARG A 411 -24.12 22.80 -25.41
C ARG A 411 -25.18 21.71 -25.37
N PHE B 13 -16.73 -47.23 18.81
CA PHE B 13 -16.58 -48.52 19.48
C PHE B 13 -16.90 -48.40 20.97
N ARG B 14 -16.96 -49.56 21.66
CA ARG B 14 -17.34 -49.62 23.06
C ARG B 14 -16.27 -50.24 23.96
N GLY B 15 -15.31 -50.95 23.40
CA GLY B 15 -14.29 -51.62 24.20
C GLY B 15 -14.42 -53.13 24.16
N GLY B 16 -13.40 -53.78 23.61
CA GLY B 16 -13.38 -55.23 23.50
C GLY B 16 -13.47 -55.75 22.08
N GLU B 17 -13.75 -54.89 21.10
CA GLU B 17 -13.97 -55.36 19.73
C GLU B 17 -12.66 -55.82 19.10
N ARG B 18 -12.73 -56.89 18.31
CA ARG B 18 -11.61 -57.33 17.51
C ARG B 18 -11.52 -56.48 16.24
N VAL B 19 -10.33 -55.98 15.93
CA VAL B 19 -10.11 -55.17 14.74
C VAL B 19 -8.82 -55.61 14.06
N VAL B 20 -8.68 -55.18 12.81
CA VAL B 20 -7.45 -55.36 12.05
C VAL B 20 -7.06 -54.01 11.45
N HIS B 21 -5.79 -53.69 11.53
CA HIS B 21 -5.12 -52.51 11.07
C HIS B 21 -4.22 -52.85 9.89
N PRO B 22 -4.13 -51.98 8.88
CA PRO B 22 -3.36 -52.34 7.67
C PRO B 22 -1.91 -52.64 7.94
N ARG B 23 -1.32 -52.12 9.01
CA ARG B 23 0.09 -52.38 9.29
C ARG B 23 0.35 -53.03 10.64
N PHE B 24 -0.49 -52.79 11.65
CA PHE B 24 -0.29 -53.39 12.96
C PHE B 24 -0.91 -54.77 13.09
N GLY B 25 -1.78 -55.17 12.16
CA GLY B 25 -2.38 -56.47 12.19
C GLY B 25 -3.58 -56.51 13.11
N PRO B 26 -3.83 -57.67 13.71
CA PRO B 26 -5.02 -57.84 14.54
C PRO B 26 -4.83 -57.25 15.93
N GLY B 27 -5.88 -56.60 16.42
CA GLY B 27 -5.84 -55.98 17.74
C GLY B 27 -7.22 -55.85 18.34
N THR B 28 -7.25 -55.50 19.62
CA THR B 28 -8.46 -55.44 20.42
C THR B 28 -8.67 -54.01 20.91
N VAL B 29 -9.87 -53.48 20.72
CA VAL B 29 -10.13 -52.08 21.06
C VAL B 29 -10.21 -51.92 22.57
N VAL B 30 -9.38 -51.04 23.12
CA VAL B 30 -9.37 -50.82 24.56
C VAL B 30 -10.29 -49.69 24.96
N ALA B 31 -10.33 -48.62 24.17
CA ALA B 31 -11.08 -47.42 24.54
C ALA B 31 -11.31 -46.57 23.29
N ALA B 32 -12.23 -45.62 23.41
CA ALA B 32 -12.55 -44.68 22.33
C ALA B 32 -13.16 -43.45 22.97
N GLN B 33 -12.58 -42.28 22.68
CA GLN B 33 -13.09 -41.00 23.16
C GLN B 33 -13.08 -40.05 21.97
N GLY B 34 -14.17 -40.05 21.20
CA GLY B 34 -14.28 -39.16 20.05
C GLY B 34 -13.60 -39.76 18.83
N ASP B 35 -12.74 -38.97 18.19
CA ASP B 35 -11.97 -39.47 17.06
C ASP B 35 -10.83 -40.37 17.53
N GLU B 36 -10.46 -40.30 18.80
CA GLU B 36 -9.36 -41.12 19.32
C GLU B 36 -9.84 -42.53 19.60
N VAL B 37 -8.97 -43.50 19.39
CA VAL B 37 -9.25 -44.89 19.69
C VAL B 37 -7.96 -45.56 20.15
N THR B 38 -8.04 -46.27 21.26
CA THR B 38 -6.90 -46.98 21.82
C THR B 38 -7.06 -48.46 21.48
N VAL B 39 -6.07 -49.03 20.80
CA VAL B 39 -6.14 -50.42 20.36
C VAL B 39 -4.88 -51.15 20.83
N HIS B 40 -5.06 -52.35 21.36
CA HIS B 40 -3.95 -53.20 21.75
C HIS B 40 -3.69 -54.23 20.64
N PHE B 41 -2.50 -54.18 20.06
CA PHE B 41 -2.10 -55.10 19.02
C PHE B 41 -1.10 -56.12 19.57
N GLU B 42 -1.17 -57.34 19.02
CA GLU B 42 -0.24 -58.39 19.43
C GLU B 42 1.20 -57.95 19.22
N GLY B 43 1.54 -57.51 18.00
CA GLY B 43 2.93 -57.20 17.70
C GLY B 43 3.41 -55.90 18.30
N PHE B 44 2.59 -54.85 18.27
CA PHE B 44 3.04 -53.48 18.46
C PHE B 44 2.58 -52.86 19.78
N GLY B 45 1.91 -53.62 20.63
CA GLY B 45 1.46 -53.06 21.89
C GLY B 45 0.33 -52.05 21.73
N LEU B 46 0.25 -51.13 22.68
CA LEU B 46 -0.88 -50.21 22.77
C LEU B 46 -0.68 -49.02 21.82
N LYS B 47 -1.67 -48.74 20.99
CA LYS B 47 -1.61 -47.66 20.01
C LYS B 47 -2.74 -46.66 20.25
N ARG B 48 -2.39 -45.38 20.30
CA ARG B 48 -3.34 -44.27 20.38
C ARG B 48 -3.54 -43.76 18.96
N LEU B 49 -4.70 -44.05 18.36
CA LEU B 49 -4.91 -43.81 16.95
C LEU B 49 -6.04 -42.83 16.70
N SER B 50 -6.05 -42.27 15.49
CA SER B 50 -7.14 -41.45 15.00
C SER B 50 -8.01 -42.26 14.05
N LEU B 51 -9.32 -42.25 14.29
CA LEU B 51 -10.23 -43.10 13.51
C LEU B 51 -10.27 -42.70 12.05
N LYS B 52 -10.22 -41.39 11.75
CA LYS B 52 -10.25 -40.93 10.36
C LYS B 52 -9.15 -41.56 9.52
N TYR B 53 -8.01 -41.91 10.12
CA TYR B 53 -6.85 -42.32 9.36
C TYR B 53 -6.31 -43.70 9.73
N ALA B 54 -6.84 -44.36 10.75
CA ALA B 54 -6.31 -45.66 11.13
C ALA B 54 -6.60 -46.73 10.09
N GLU B 55 -7.65 -46.55 9.28
CA GLU B 55 -8.11 -47.54 8.29
C GLU B 55 -8.48 -48.87 8.95
N LEU B 56 -9.02 -48.81 10.17
CA LEU B 56 -9.37 -50.02 10.91
C LEU B 56 -10.51 -50.77 10.25
N LYS B 57 -10.33 -52.10 10.10
CA LYS B 57 -11.41 -53.01 9.74
C LYS B 57 -11.84 -53.83 10.95
N PRO B 58 -13.11 -54.20 11.04
CA PRO B 58 -13.53 -55.15 12.09
C PRO B 58 -13.07 -56.55 11.77
N ALA B 59 -12.86 -57.34 12.81
CA ALA B 59 -12.53 -58.75 12.67
C ALA B 59 -13.61 -59.62 13.29
N ASP C 3 1.59 -34.97 -5.20
CA ASP C 3 1.81 -33.57 -5.56
C ASP C 3 0.55 -32.90 -6.07
N MET C 4 -0.62 -33.49 -5.75
CA MET C 4 -1.89 -32.92 -6.17
C MET C 4 -2.19 -31.60 -5.46
N THR C 5 -2.33 -31.64 -4.13
CA THR C 5 -2.80 -30.47 -3.41
C THR C 5 -1.72 -29.40 -3.33
N PHE C 6 -0.53 -29.76 -2.84
CA PHE C 6 0.58 -28.84 -2.73
C PHE C 6 1.62 -29.14 -3.80
N ARG C 7 2.38 -28.11 -4.17
CA ARG C 7 3.46 -28.26 -5.14
C ARG C 7 4.73 -27.75 -4.48
N TYR C 8 5.56 -28.68 -4.03
CA TYR C 8 6.77 -28.34 -3.31
C TYR C 8 7.85 -27.88 -4.28
N ARG C 9 8.39 -26.69 -4.04
CA ARG C 9 9.41 -26.09 -4.89
C ARG C 9 10.65 -25.72 -4.07
N GLY C 10 11.12 -26.67 -3.27
CA GLY C 10 12.30 -26.45 -2.45
C GLY C 10 13.40 -27.44 -2.75
N PRO C 11 14.44 -27.44 -1.92
CA PRO C 11 15.56 -28.36 -2.14
C PRO C 11 15.24 -29.80 -1.77
N SER C 12 16.02 -30.70 -2.35
CA SER C 12 15.84 -32.12 -2.09
C SER C 12 16.48 -32.50 -0.77
N PRO C 13 15.79 -33.23 0.10
CA PRO C 13 16.43 -33.76 1.29
C PRO C 13 17.52 -34.75 0.92
N LYS C 14 18.67 -34.62 1.59
CA LYS C 14 19.82 -35.48 1.39
C LYS C 14 20.09 -36.27 2.68
N GLY C 15 21.11 -37.12 2.63
CA GLY C 15 21.44 -37.91 3.81
C GLY C 15 20.30 -38.81 4.22
N ASP C 16 20.03 -38.82 5.53
CA ASP C 16 18.92 -39.61 6.07
C ASP C 16 17.61 -38.82 6.16
N GLN C 17 17.60 -37.56 5.76
CA GLN C 17 16.37 -36.79 5.86
C GLN C 17 15.21 -37.44 5.11
N PRO C 18 15.40 -38.07 3.94
CA PRO C 18 14.28 -38.81 3.35
C PRO C 18 13.69 -39.85 4.29
N LYS C 19 14.53 -40.55 5.06
CA LYS C 19 14.02 -41.53 6.02
C LYS C 19 13.16 -40.86 7.08
N ALA C 20 13.62 -39.72 7.62
CA ALA C 20 12.83 -38.98 8.60
C ALA C 20 11.47 -38.58 8.02
N ILE C 21 11.46 -38.11 6.77
CA ILE C 21 10.19 -37.76 6.12
C ILE C 21 9.31 -39.00 5.98
N ALA C 22 9.90 -40.13 5.60
CA ALA C 22 9.12 -41.34 5.38
C ALA C 22 8.58 -41.89 6.69
N GLY C 23 9.36 -41.84 7.75
CA GLY C 23 8.87 -42.26 9.04
C GLY C 23 7.66 -41.46 9.51
N LEU C 24 7.70 -40.15 9.32
CA LEU C 24 6.57 -39.30 9.69
C LEU C 24 5.35 -39.64 8.85
N VAL C 25 5.54 -39.76 7.54
CA VAL C 25 4.42 -40.04 6.65
C VAL C 25 3.80 -41.38 6.99
N GLU C 26 4.63 -42.38 7.31
CA GLU C 26 4.11 -43.69 7.71
C GLU C 26 3.35 -43.60 9.03
N ALA C 27 3.92 -42.91 10.02
CA ALA C 27 3.25 -42.76 11.30
C ALA C 27 1.87 -42.14 11.13
N LEU C 28 1.82 -41.03 10.39
CA LEU C 28 0.54 -40.33 10.20
C LEU C 28 -0.44 -41.16 9.39
N ARG C 29 0.05 -41.89 8.39
CA ARG C 29 -0.85 -42.74 7.61
C ARG C 29 -1.32 -43.93 8.41
N ASP C 30 -0.50 -44.40 9.35
CA ASP C 30 -0.93 -45.45 10.27
C ASP C 30 -2.05 -44.99 11.19
N GLY C 31 -2.32 -43.69 11.25
CA GLY C 31 -3.33 -43.18 12.16
C GLY C 31 -2.79 -42.75 13.51
N GLU C 32 -1.47 -42.74 13.69
CA GLU C 32 -0.88 -42.37 14.96
C GLU C 32 -1.37 -41.00 15.39
N ARG C 33 -1.85 -40.94 16.63
CA ARG C 33 -2.43 -39.71 17.14
C ARG C 33 -1.35 -38.69 17.49
N PHE C 34 -0.21 -39.16 17.99
CA PHE C 34 0.87 -38.29 18.46
C PHE C 34 2.18 -38.78 17.89
N VAL C 35 2.84 -37.91 17.12
CA VAL C 35 4.09 -38.24 16.46
C VAL C 35 5.08 -37.12 16.76
N THR C 36 6.33 -37.49 17.02
CA THR C 36 7.37 -36.51 17.36
C THR C 36 8.47 -36.56 16.31
N LEU C 37 8.77 -35.41 15.71
CA LEU C 37 9.98 -35.24 14.91
C LEU C 37 11.05 -34.67 15.83
N LEU C 38 12.09 -35.46 16.09
CA LEU C 38 13.11 -35.13 17.09
C LEU C 38 14.41 -34.74 16.40
N GLY C 39 14.94 -33.57 16.75
CA GLY C 39 16.27 -33.16 16.38
C GLY C 39 16.35 -32.15 15.24
N ALA C 40 15.27 -31.97 14.48
CA ALA C 40 15.33 -31.11 13.30
C ALA C 40 15.70 -29.68 13.68
N THR C 41 16.55 -29.07 12.85
CA THR C 41 16.95 -27.69 13.07
C THR C 41 16.92 -26.93 11.75
N GLY C 42 16.68 -25.62 11.86
CA GLY C 42 16.87 -24.71 10.74
C GLY C 42 16.04 -25.07 9.53
N THR C 43 16.67 -25.00 8.36
CA THR C 43 15.95 -25.19 7.11
C THR C 43 15.49 -26.63 6.94
N GLY C 44 16.30 -27.59 7.40
CA GLY C 44 15.90 -28.99 7.32
C GLY C 44 14.61 -29.27 8.06
N LYS C 45 14.34 -28.50 9.12
CA LYS C 45 13.09 -28.68 9.86
C LYS C 45 11.88 -28.34 8.99
N THR C 46 11.88 -27.16 8.36
CA THR C 46 10.72 -26.80 7.54
C THR C 46 10.67 -27.59 6.24
N VAL C 47 11.82 -27.98 5.69
CA VAL C 47 11.79 -28.83 4.50
C VAL C 47 11.07 -30.13 4.81
N THR C 48 11.33 -30.73 5.97
CA THR C 48 10.70 -31.99 6.32
C THR C 48 9.20 -31.82 6.54
N MET C 49 8.82 -30.82 7.34
CA MET C 49 7.40 -30.50 7.49
C MET C 49 6.75 -30.29 6.13
N ALA C 50 7.45 -29.62 5.21
CA ALA C 50 6.90 -29.36 3.89
C ALA C 50 6.66 -30.66 3.12
N LYS C 51 7.66 -31.55 3.10
CA LYS C 51 7.49 -32.81 2.39
C LYS C 51 6.38 -33.66 3.02
N VAL C 52 6.20 -33.58 4.33
CA VAL C 52 5.13 -34.35 4.97
C VAL C 52 3.78 -33.74 4.63
N ILE C 53 3.66 -32.41 4.70
CA ILE C 53 2.42 -31.74 4.32
C ILE C 53 2.06 -32.06 2.88
N GLU C 54 3.05 -32.06 1.99
CA GLU C 54 2.80 -32.42 0.59
C GLU C 54 2.36 -33.87 0.47
N ALA C 55 3.08 -34.79 1.11
CA ALA C 55 2.75 -36.21 1.00
C ALA C 55 1.32 -36.50 1.43
N LEU C 56 0.79 -35.75 2.38
CA LEU C 56 -0.53 -36.04 2.91
C LEU C 56 -1.64 -35.23 2.26
N GLY C 57 -1.31 -34.10 1.62
CA GLY C 57 -2.28 -33.35 0.86
C GLY C 57 -3.39 -32.71 1.67
N ARG C 58 -3.13 -32.42 2.95
CA ARG C 58 -4.13 -31.89 3.87
C ARG C 58 -3.73 -30.50 4.33
N PRO C 59 -4.70 -29.61 4.54
CA PRO C 59 -4.38 -28.32 5.16
C PRO C 59 -3.71 -28.51 6.51
N ALA C 60 -2.78 -27.61 6.82
CA ALA C 60 -1.94 -27.76 7.99
C ALA C 60 -2.02 -26.53 8.88
N LEU C 61 -1.99 -26.76 10.20
CA LEU C 61 -1.85 -25.71 11.19
C LEU C 61 -0.50 -25.89 11.87
N VAL C 62 0.36 -24.87 11.78
CA VAL C 62 1.69 -24.90 12.38
C VAL C 62 1.74 -23.83 13.45
N LEU C 63 1.90 -24.25 14.71
CA LEU C 63 1.94 -23.32 15.82
C LEU C 63 3.38 -23.13 16.29
N ALA C 64 3.72 -21.91 16.65
CA ALA C 64 5.06 -21.53 17.09
C ALA C 64 4.95 -20.78 18.41
N PRO C 65 6.03 -20.77 19.20
CA PRO C 65 5.92 -20.15 20.54
C PRO C 65 5.56 -18.68 20.51
N ASN C 66 5.84 -17.97 19.41
CA ASN C 66 5.52 -16.55 19.37
C ASN C 66 5.42 -16.08 17.92
N LYS C 67 4.93 -14.86 17.77
CA LYS C 67 4.67 -14.29 16.44
C LYS C 67 5.93 -14.20 15.60
N ILE C 68 7.09 -14.01 16.23
CA ILE C 68 8.33 -13.83 15.48
C ILE C 68 8.73 -15.15 14.83
N LEU C 69 8.74 -16.23 15.61
CA LEU C 69 9.06 -17.54 15.07
C LEU C 69 8.01 -18.00 14.07
N ALA C 70 6.74 -17.72 14.35
CA ALA C 70 5.68 -18.01 13.38
C ALA C 70 5.94 -17.29 12.06
N ALA C 71 6.37 -16.03 12.11
CA ALA C 71 6.64 -15.28 10.90
C ALA C 71 7.82 -15.88 10.14
N GLN C 72 8.88 -16.24 10.86
CA GLN C 72 10.02 -16.90 10.23
C GLN C 72 9.56 -18.16 9.49
N LEU C 73 8.77 -19.00 10.15
CA LEU C 73 8.29 -20.24 9.55
C LEU C 73 7.44 -19.96 8.32
N ALA C 74 6.51 -19.00 8.44
CA ALA C 74 5.65 -18.64 7.31
C ALA C 74 6.48 -18.20 6.11
N ALA C 75 7.55 -17.44 6.35
CA ALA C 75 8.43 -17.05 5.26
C ALA C 75 9.09 -18.26 4.62
N GLU C 76 9.57 -19.20 5.42
CA GLU C 76 10.19 -20.40 4.87
C GLU C 76 9.19 -21.20 4.04
N PHE C 77 7.96 -21.32 4.52
CA PHE C 77 6.97 -22.10 3.79
C PHE C 77 6.58 -21.42 2.48
N ARG C 78 6.49 -20.10 2.47
CA ARG C 78 6.14 -19.39 1.24
C ARG C 78 7.18 -19.64 0.15
N GLU C 79 8.47 -19.72 0.53
CA GLU C 79 9.49 -20.11 -0.43
C GLU C 79 9.26 -21.54 -0.92
N LEU C 80 8.84 -22.44 -0.02
CA LEU C 80 8.72 -23.85 -0.40
C LEU C 80 7.44 -24.13 -1.17
N PHE C 81 6.39 -23.36 -0.95
CA PHE C 81 5.12 -23.53 -1.64
C PHE C 81 4.71 -22.20 -2.29
N PRO C 82 5.42 -21.80 -3.35
CA PRO C 82 5.14 -20.50 -3.95
C PRO C 82 3.75 -20.38 -4.53
N GLU C 83 3.17 -21.49 -4.97
CA GLU C 83 1.87 -21.49 -5.63
C GLU C 83 0.71 -21.80 -4.67
N ASN C 84 0.98 -22.11 -3.42
CA ASN C 84 -0.05 -22.46 -2.47
C ASN C 84 -0.24 -21.33 -1.47
N ALA C 85 -1.31 -21.42 -0.70
CA ALA C 85 -1.67 -20.37 0.25
C ALA C 85 -1.02 -20.66 1.58
N VAL C 86 -0.02 -19.87 1.94
CA VAL C 86 0.66 -19.96 3.24
C VAL C 86 0.21 -18.75 4.03
N GLU C 87 -0.62 -18.99 5.05
CA GLU C 87 -1.26 -17.93 5.82
C GLU C 87 -0.55 -17.71 7.14
N TYR C 88 -0.57 -16.47 7.60
CA TYR C 88 0.09 -16.05 8.83
C TYR C 88 -1.01 -15.50 9.73
N PHE C 89 -1.35 -16.26 10.76
CA PHE C 89 -2.44 -15.92 11.67
C PHE C 89 -1.85 -15.51 13.01
N ILE C 90 -2.09 -14.26 13.39
CA ILE C 90 -1.66 -13.71 14.67
C ILE C 90 -2.82 -12.93 15.26
N SER C 91 -2.60 -12.31 16.41
CA SER C 91 -3.70 -11.66 17.09
C SER C 91 -3.18 -10.44 17.84
N TYR C 92 -4.11 -9.57 18.22
CA TYR C 92 -3.86 -8.41 19.04
C TYR C 92 -2.96 -8.75 20.22
N TYR C 93 -3.21 -9.89 20.86
CA TYR C 93 -2.50 -10.25 22.07
C TYR C 93 -1.06 -10.67 21.81
N ASP C 94 -0.69 -10.90 20.55
CA ASP C 94 0.71 -11.10 20.22
C ASP C 94 1.50 -9.79 20.27
N TYR C 95 0.84 -8.65 20.13
CA TYR C 95 1.53 -7.37 20.07
C TYR C 95 1.19 -6.41 21.22
N TYR C 96 -0.01 -6.46 21.78
CA TYR C 96 -0.47 -5.43 22.70
C TYR C 96 -0.95 -6.03 24.02
N GLN C 97 -1.00 -5.17 25.04
CA GLN C 97 -1.43 -5.57 26.38
C GLN C 97 -2.95 -5.80 26.40
N PRO C 98 -3.39 -6.85 27.08
CA PRO C 98 -4.84 -7.12 27.17
C PRO C 98 -5.49 -6.19 28.19
N GLU C 99 -6.81 -6.29 28.29
CA GLU C 99 -7.53 -5.62 29.36
C GLU C 99 -7.26 -6.33 30.68
N ALA C 100 -6.95 -5.56 31.72
CA ALA C 100 -6.69 -6.19 33.02
C ALA C 100 -6.89 -5.18 34.13
N TYR C 101 -7.05 -5.70 35.34
CA TYR C 101 -7.21 -4.91 36.56
C TYR C 101 -6.40 -5.57 37.66
N VAL C 102 -5.62 -4.77 38.39
CA VAL C 102 -4.88 -5.28 39.54
C VAL C 102 -5.47 -4.63 40.79
N PRO C 103 -6.16 -5.40 41.64
CA PRO C 103 -6.72 -4.81 42.86
C PRO C 103 -5.67 -4.20 43.78
N GLY C 104 -4.53 -4.86 43.93
CA GLY C 104 -3.51 -4.39 44.87
C GLY C 104 -3.10 -2.95 44.65
N LYS C 105 -3.21 -2.47 43.41
CA LYS C 105 -2.80 -1.11 43.06
C LYS C 105 -3.92 -0.28 42.47
N ASP C 106 -5.14 -0.83 42.41
CA ASP C 106 -6.30 -0.17 41.79
C ASP C 106 -5.92 0.44 40.44
N LEU C 107 -5.51 -0.43 39.53
CA LEU C 107 -4.96 0.00 38.25
C LEU C 107 -5.72 -0.70 37.13
N TYR C 108 -6.43 0.09 36.32
CA TYR C 108 -7.13 -0.43 35.16
C TYR C 108 -6.26 -0.23 33.92
N ILE C 109 -6.07 -1.30 33.16
CA ILE C 109 -5.30 -1.29 31.92
C ILE C 109 -6.26 -1.62 30.79
N GLU C 110 -6.43 -0.69 29.86
CA GLU C 110 -7.44 -0.81 28.83
C GLU C 110 -6.84 -1.34 27.53
N LYS C 111 -7.61 -2.16 26.83
CA LYS C 111 -7.23 -2.67 25.52
C LYS C 111 -6.76 -1.55 24.61
N ASP C 112 -5.53 -1.68 24.13
CA ASP C 112 -4.88 -0.69 23.27
C ASP C 112 -5.83 -0.19 22.19
N ALA C 113 -5.85 1.14 22.00
CA ALA C 113 -6.76 1.78 21.05
C ALA C 113 -6.18 1.80 19.64
N SER C 114 -5.02 2.41 19.47
CA SER C 114 -4.35 2.50 18.17
C SER C 114 -3.77 1.13 17.83
N ILE C 115 -4.44 0.42 16.93
CA ILE C 115 -4.12 -0.98 16.61
C ILE C 115 -3.71 -1.08 15.15
N ASN C 116 -2.73 -1.94 14.88
CA ASN C 116 -2.30 -2.20 13.51
C ASN C 116 -3.43 -2.84 12.71
N PRO C 117 -3.87 -2.24 11.61
CA PRO C 117 -4.89 -2.91 10.78
C PRO C 117 -4.37 -4.14 10.05
N GLU C 118 -3.06 -4.33 9.96
CA GLU C 118 -2.53 -5.54 9.34
C GLU C 118 -2.96 -6.81 10.08
N ILE C 119 -3.18 -6.72 11.39
CA ILE C 119 -3.53 -7.91 12.16
C ILE C 119 -4.88 -8.47 11.69
N GLU C 120 -5.91 -7.63 11.62
CA GLU C 120 -7.19 -8.10 11.12
C GLU C 120 -7.08 -8.55 9.66
N ARG C 121 -6.26 -7.86 8.87
CA ARG C 121 -6.12 -8.22 7.46
C ARG C 121 -5.55 -9.62 7.30
N LEU C 122 -4.56 -9.99 8.13
CA LEU C 122 -3.98 -11.32 8.04
C LEU C 122 -4.95 -12.37 8.57
N ARG C 123 -5.70 -12.03 9.60
CA ARG C 123 -6.66 -12.98 10.13
C ARG C 123 -7.74 -13.29 9.11
N HIS C 124 -8.17 -12.27 8.35
CA HIS C 124 -9.22 -12.45 7.36
C HIS C 124 -8.71 -13.15 6.12
N SER C 125 -7.47 -12.87 5.73
CA SER C 125 -6.85 -13.66 4.67
C SER C 125 -6.81 -15.14 5.05
N THR C 126 -6.57 -15.44 6.33
CA THR C 126 -6.49 -16.82 6.77
C THR C 126 -7.85 -17.52 6.67
N THR C 127 -8.87 -16.95 7.32
CA THR C 127 -10.19 -17.57 7.26
C THR C 127 -10.72 -17.61 5.83
N ARG C 128 -10.45 -16.56 5.04
CA ARG C 128 -10.89 -16.57 3.64
C ARG C 128 -10.29 -17.73 2.88
N SER C 129 -8.96 -17.90 2.98
CA SER C 129 -8.32 -19.02 2.31
C SER C 129 -8.87 -20.36 2.80
N LEU C 130 -9.10 -20.49 4.10
CA LEU C 130 -9.53 -21.78 4.65
C LEU C 130 -10.89 -22.21 4.11
N LEU C 131 -11.72 -21.25 3.67
CA LEU C 131 -12.99 -21.63 3.05
C LEU C 131 -12.84 -21.88 1.56
N THR C 132 -11.96 -21.12 0.90
CA THR C 132 -11.91 -21.11 -0.55
C THR C 132 -10.94 -22.14 -1.16
N ARG C 133 -10.05 -22.75 -0.38
CA ARG C 133 -9.07 -23.64 -0.98
C ARG C 133 -8.58 -24.67 0.04
N ARG C 134 -8.08 -25.79 -0.48
CA ARG C 134 -7.51 -26.83 0.37
C ARG C 134 -6.00 -26.67 0.59
N ASP C 135 -5.29 -26.07 -0.35
CA ASP C 135 -3.83 -25.99 -0.27
C ASP C 135 -3.39 -24.82 0.62
N VAL C 136 -3.83 -24.89 1.87
CA VAL C 136 -3.56 -23.86 2.88
C VAL C 136 -2.64 -24.43 3.94
N ILE C 137 -1.58 -23.70 4.26
CA ILE C 137 -0.77 -23.91 5.46
C ILE C 137 -0.89 -22.64 6.30
N VAL C 138 -1.45 -22.76 7.49
CA VAL C 138 -1.55 -21.63 8.40
C VAL C 138 -0.44 -21.76 9.44
N VAL C 139 0.37 -20.72 9.58
CA VAL C 139 1.39 -20.63 10.61
C VAL C 139 0.92 -19.58 11.61
N ALA C 140 0.89 -19.95 12.88
CA ALA C 140 0.29 -19.06 13.87
C ALA C 140 1.01 -19.21 15.20
N SER C 141 0.93 -18.17 16.03
CA SER C 141 1.29 -18.33 17.42
C SER C 141 0.23 -19.15 18.11
N VAL C 142 0.40 -19.37 19.42
CA VAL C 142 -0.58 -20.14 20.17
C VAL C 142 -1.94 -19.43 20.19
N SER C 143 -1.99 -18.15 19.83
CA SER C 143 -3.23 -17.35 19.79
C SER C 143 -4.26 -17.89 18.80
N ALA C 144 -3.89 -18.85 17.96
CA ALA C 144 -4.88 -19.50 17.11
C ALA C 144 -5.97 -20.14 17.95
N ILE C 145 -5.60 -20.71 19.09
CA ILE C 145 -6.54 -21.40 19.97
C ILE C 145 -7.34 -20.45 20.88
N TYR C 146 -7.17 -19.13 20.72
CA TYR C 146 -8.10 -18.17 21.34
C TYR C 146 -9.42 -18.23 20.59
N GLY C 147 -10.48 -17.69 21.20
CA GLY C 147 -11.79 -17.76 20.59
C GLY C 147 -11.95 -16.91 19.35
N LEU C 148 -12.97 -17.28 18.57
CA LEU C 148 -13.31 -16.64 17.30
C LEU C 148 -14.79 -16.87 17.09
N GLY C 149 -15.33 -16.25 16.05
CA GLY C 149 -16.75 -16.31 15.82
C GLY C 149 -17.20 -17.56 15.09
N ASP C 150 -18.51 -17.65 14.91
CA ASP C 150 -19.14 -18.80 14.27
C ASP C 150 -18.70 -18.93 12.82
N PRO C 151 -18.07 -20.03 12.43
CA PRO C 151 -17.69 -20.21 11.02
C PRO C 151 -18.86 -20.56 10.12
N ARG C 152 -19.99 -20.99 10.67
CA ARG C 152 -21.16 -21.25 9.83
C ARG C 152 -21.67 -19.96 9.20
N GLU C 153 -21.74 -18.88 9.99
CA GLU C 153 -22.24 -17.59 9.49
C GLU C 153 -21.20 -16.87 8.64
N TYR C 154 -19.92 -17.11 8.91
CA TYR C 154 -18.88 -16.53 8.08
C TYR C 154 -18.95 -17.07 6.66
N ARG C 155 -19.14 -18.38 6.52
CA ARG C 155 -19.28 -18.97 5.20
C ARG C 155 -20.63 -18.59 4.57
N ALA C 156 -21.71 -18.69 5.34
CA ALA C 156 -23.04 -18.47 4.78
C ALA C 156 -23.20 -17.06 4.24
N ARG C 157 -22.69 -16.06 4.95
CA ARG C 157 -22.84 -14.68 4.54
C ARG C 157 -21.73 -14.29 3.56
N ASN C 158 -21.85 -14.79 2.34
CA ASN C 158 -21.01 -14.29 1.26
C ASN C 158 -21.84 -13.44 0.31
N LEU C 159 -21.19 -13.01 -0.77
CA LEU C 159 -21.78 -12.06 -1.71
C LEU C 159 -21.13 -12.29 -3.06
N VAL C 160 -21.93 -12.66 -4.05
CA VAL C 160 -21.42 -13.03 -5.37
C VAL C 160 -21.79 -11.94 -6.36
N VAL C 161 -20.77 -11.29 -6.91
CA VAL C 161 -20.94 -10.32 -8.00
C VAL C 161 -20.32 -10.93 -9.25
N GLU C 162 -21.05 -10.88 -10.36
CA GLU C 162 -20.54 -11.25 -11.66
C GLU C 162 -20.81 -10.12 -12.63
N ARG C 163 -19.82 -9.76 -13.43
CA ARG C 163 -20.04 -8.74 -14.43
C ARG C 163 -20.97 -9.28 -15.51
N GLY C 164 -21.78 -8.38 -16.07
CA GLY C 164 -22.80 -8.77 -17.02
C GLY C 164 -24.15 -9.08 -16.43
N LYS C 165 -24.27 -9.09 -15.09
CA LYS C 165 -25.58 -9.28 -14.45
C LYS C 165 -25.73 -8.39 -13.22
N PRO C 166 -26.62 -7.40 -13.25
CA PRO C 166 -27.16 -6.85 -12.00
C PRO C 166 -27.82 -7.98 -11.22
N TYR C 167 -27.91 -7.86 -9.89
CA TYR C 167 -27.38 -6.87 -8.93
C TYR C 167 -27.69 -5.36 -8.98
N PRO C 168 -28.90 -5.02 -8.53
CA PRO C 168 -29.24 -3.60 -8.32
C PRO C 168 -28.39 -2.96 -7.22
N ARG C 169 -28.40 -1.63 -7.22
CA ARG C 169 -27.44 -0.85 -6.42
C ARG C 169 -27.84 -0.77 -4.95
N GLU C 170 -29.11 -0.45 -4.67
CA GLU C 170 -29.53 -0.34 -3.27
C GLU C 170 -29.46 -1.67 -2.55
N VAL C 171 -29.74 -2.78 -3.26
CA VAL C 171 -29.62 -4.12 -2.71
C VAL C 171 -28.17 -4.47 -2.40
N LEU C 172 -27.22 -3.96 -3.17
CA LEU C 172 -25.81 -4.27 -2.96
C LEU C 172 -25.30 -3.62 -1.67
N LEU C 173 -25.75 -2.40 -1.31
CA LEU C 173 -25.25 -1.77 -0.08
C LEU C 173 -25.85 -2.42 1.15
N GLU C 174 -27.10 -2.85 1.04
CA GLU C 174 -27.70 -3.73 2.03
C GLU C 174 -26.80 -4.90 2.46
N ARG C 175 -26.39 -5.72 1.48
CA ARG C 175 -25.56 -6.88 1.79
C ARG C 175 -24.19 -6.45 2.32
N LEU C 176 -23.63 -5.36 1.79
CA LEU C 176 -22.33 -4.91 2.29
C LEU C 176 -22.41 -4.55 3.76
N LEU C 177 -23.49 -3.87 4.16
CA LEU C 177 -23.69 -3.57 5.57
C LEU C 177 -23.98 -4.84 6.36
N GLU C 178 -24.69 -5.79 5.75
CA GLU C 178 -24.96 -7.07 6.41
C GLU C 178 -23.72 -7.91 6.61
N LEU C 179 -22.70 -7.74 5.76
CA LEU C 179 -21.45 -8.46 5.93
C LEU C 179 -20.51 -7.76 6.91
N GLY C 180 -20.90 -6.62 7.45
CA GLY C 180 -20.10 -5.91 8.42
C GLY C 180 -19.22 -4.83 7.85
N TYR C 181 -19.35 -4.53 6.56
CA TYR C 181 -18.55 -3.48 5.95
C TYR C 181 -19.09 -2.11 6.33
N GLN C 182 -18.23 -1.27 6.90
CA GLN C 182 -18.60 0.10 7.18
C GLN C 182 -18.55 0.92 5.90
N ARG C 183 -19.46 1.88 5.77
CA ARG C 183 -19.39 2.83 4.68
C ARG C 183 -18.48 3.99 5.07
N ASN C 184 -17.51 4.29 4.21
CA ASN C 184 -16.60 5.41 4.46
C ASN C 184 -16.13 5.92 3.10
N ASP C 185 -16.53 7.14 2.75
CA ASP C 185 -16.11 7.73 1.48
C ASP C 185 -14.80 8.50 1.60
N ILE C 186 -14.42 8.93 2.80
CA ILE C 186 -13.16 9.64 3.02
C ILE C 186 -11.99 8.68 2.97
N ASP C 187 -11.93 7.75 3.92
CA ASP C 187 -10.79 6.85 4.11
C ASP C 187 -11.21 5.44 3.75
N LEU C 188 -10.70 4.94 2.64
CA LEU C 188 -10.98 3.57 2.21
C LEU C 188 -9.88 2.65 2.73
N SER C 189 -10.22 1.82 3.71
CA SER C 189 -9.35 0.81 4.28
C SER C 189 -10.09 -0.52 4.24
N PRO C 190 -9.38 -1.65 4.41
CA PRO C 190 -10.06 -2.95 4.38
C PRO C 190 -11.19 -3.00 5.39
N GLY C 191 -12.29 -3.65 4.99
CA GLY C 191 -13.50 -3.68 5.78
C GLY C 191 -14.42 -2.50 5.57
N ARG C 192 -14.14 -1.66 4.57
CA ARG C 192 -14.94 -0.47 4.31
C ARG C 192 -15.22 -0.38 2.82
N PHE C 193 -16.25 0.39 2.48
CA PHE C 193 -16.64 0.57 1.09
C PHE C 193 -17.04 2.03 0.86
N ARG C 194 -17.10 2.41 -0.42
CA ARG C 194 -17.43 3.78 -0.81
C ARG C 194 -18.35 3.74 -2.02
N ALA C 195 -19.43 4.53 -1.96
CA ALA C 195 -20.35 4.70 -3.07
C ALA C 195 -20.47 6.18 -3.38
N LYS C 196 -20.30 6.53 -4.65
CA LYS C 196 -20.52 7.89 -5.13
C LYS C 196 -21.07 7.78 -6.54
N GLY C 197 -22.36 8.04 -6.71
CA GLY C 197 -22.98 7.86 -8.01
C GLY C 197 -23.01 6.41 -8.41
N GLU C 198 -22.82 6.15 -9.70
CA GLU C 198 -22.78 4.79 -10.23
C GLU C 198 -21.50 4.06 -9.88
N VAL C 199 -20.63 4.67 -9.07
CA VAL C 199 -19.32 4.13 -8.76
C VAL C 199 -19.35 3.47 -7.39
N LEU C 200 -18.68 2.33 -7.28
CA LEU C 200 -18.76 1.57 -6.05
C LEU C 200 -17.44 0.87 -5.78
N GLU C 201 -16.85 1.16 -4.62
CA GLU C 201 -15.51 0.71 -4.29
C GLU C 201 -15.54 -0.07 -2.98
N ILE C 202 -15.23 -1.37 -3.06
CA ILE C 202 -15.28 -2.29 -1.92
C ILE C 202 -13.86 -2.70 -1.58
N PHE C 203 -13.46 -2.47 -0.34
CA PHE C 203 -12.17 -2.94 0.15
C PHE C 203 -12.41 -4.21 0.99
N PRO C 204 -12.24 -5.40 0.44
CA PRO C 204 -12.45 -6.62 1.23
C PRO C 204 -11.51 -6.66 2.43
N ALA C 205 -12.02 -7.23 3.53
CA ALA C 205 -11.27 -7.24 4.80
C ALA C 205 -9.95 -7.99 4.69
N TYR C 206 -9.82 -8.90 3.73
CA TYR C 206 -8.63 -9.70 3.51
C TYR C 206 -7.71 -9.16 2.42
N GLU C 207 -8.13 -8.12 1.70
CA GLU C 207 -7.44 -7.72 0.48
C GLU C 207 -6.37 -6.67 0.74
N THR C 208 -5.36 -6.67 -0.13
CA THR C 208 -4.43 -5.56 -0.22
C THR C 208 -4.88 -4.51 -1.21
N GLU C 209 -5.84 -4.84 -2.09
CA GLU C 209 -6.30 -3.94 -3.16
C GLU C 209 -7.82 -3.93 -3.25
N PRO C 210 -8.46 -2.77 -3.14
CA PRO C 210 -9.92 -2.72 -3.23
C PRO C 210 -10.41 -3.01 -4.65
N ILE C 211 -11.73 -3.18 -4.77
CA ILE C 211 -12.37 -3.52 -6.03
C ILE C 211 -13.31 -2.39 -6.43
N ARG C 212 -13.24 -2.00 -7.70
CA ARG C 212 -14.09 -0.95 -8.26
C ARG C 212 -15.23 -1.61 -9.04
N VAL C 213 -16.47 -1.25 -8.68
CA VAL C 213 -17.66 -1.73 -9.36
C VAL C 213 -18.38 -0.51 -9.93
N GLU C 214 -18.40 -0.39 -11.25
CA GLU C 214 -19.15 0.63 -11.95
C GLU C 214 -20.39 -0.02 -12.58
N LEU C 215 -21.55 0.55 -12.32
CA LEU C 215 -22.81 -0.06 -12.75
C LEU C 215 -23.59 0.88 -13.67
N PHE C 216 -24.10 0.31 -14.77
CA PHE C 216 -24.96 1.02 -15.72
C PHE C 216 -26.40 0.83 -15.24
N GLY C 217 -26.88 1.77 -14.44
CA GLY C 217 -28.13 1.58 -13.73
C GLY C 217 -28.02 0.42 -12.76
N ASP C 218 -28.69 -0.68 -13.08
CA ASP C 218 -28.54 -1.89 -12.27
C ASP C 218 -27.40 -2.78 -12.76
N GLU C 219 -27.28 -2.94 -14.08
CA GLU C 219 -26.24 -3.78 -14.67
C GLU C 219 -24.86 -3.43 -14.12
N VAL C 220 -23.99 -4.42 -14.01
CA VAL C 220 -22.61 -4.20 -13.60
C VAL C 220 -21.81 -3.96 -14.87
N GLU C 221 -21.55 -2.69 -15.17
CA GLU C 221 -20.82 -2.31 -16.37
C GLU C 221 -19.38 -2.81 -16.31
N ARG C 222 -18.65 -2.39 -15.29
CA ARG C 222 -17.20 -2.54 -15.21
C ARG C 222 -16.83 -3.02 -13.81
N ILE C 223 -15.88 -3.96 -13.73
CA ILE C 223 -15.32 -4.38 -12.45
C ILE C 223 -13.82 -4.42 -12.59
N SER C 224 -13.11 -3.62 -11.77
CA SER C 224 -11.67 -3.57 -11.81
C SER C 224 -11.08 -3.49 -10.41
N GLN C 225 -9.97 -4.19 -10.19
CA GLN C 225 -9.25 -4.12 -8.92
C GLN C 225 -8.21 -3.00 -8.97
N VAL C 226 -8.22 -2.17 -7.94
CA VAL C 226 -7.62 -0.84 -7.98
C VAL C 226 -6.56 -0.73 -6.89
N HIS C 227 -5.53 0.08 -7.16
CA HIS C 227 -4.49 0.29 -6.18
C HIS C 227 -5.01 1.14 -5.03
N PRO C 228 -4.62 0.84 -3.79
CA PRO C 228 -5.20 1.57 -2.64
C PRO C 228 -4.82 3.03 -2.60
N VAL C 229 -3.61 3.39 -2.99
CA VAL C 229 -3.14 4.76 -2.83
C VAL C 229 -3.33 5.57 -4.11
N THR C 230 -3.16 4.95 -5.27
CA THR C 230 -3.06 5.69 -6.53
C THR C 230 -4.32 5.61 -7.38
N GLY C 231 -5.26 4.71 -7.06
CA GLY C 231 -6.45 4.55 -7.87
C GLY C 231 -6.21 3.83 -9.18
N GLU C 232 -4.95 3.61 -9.56
CA GLU C 232 -4.61 2.94 -10.80
C GLU C 232 -5.29 1.57 -10.89
N ARG C 233 -5.93 1.31 -12.03
CA ARG C 233 -6.57 0.03 -12.26
C ARG C 233 -5.52 -1.02 -12.58
N LEU C 234 -5.53 -2.12 -11.82
CA LEU C 234 -4.53 -3.18 -11.92
C LEU C 234 -5.03 -4.42 -12.64
N ARG C 235 -6.30 -4.78 -12.46
CA ARG C 235 -6.92 -5.88 -13.17
C ARG C 235 -8.37 -5.54 -13.44
N GLU C 236 -8.95 -6.20 -14.43
CA GLU C 236 -10.40 -6.27 -14.57
C GLU C 236 -10.85 -7.63 -14.07
N LEU C 237 -12.03 -7.67 -13.45
CA LEU C 237 -12.48 -8.89 -12.83
C LEU C 237 -13.77 -9.38 -13.46
N PRO C 238 -13.88 -10.67 -13.78
CA PRO C 238 -15.19 -11.21 -14.21
C PRO C 238 -16.22 -11.12 -13.10
N GLY C 239 -15.86 -11.61 -11.92
CA GLY C 239 -16.70 -11.47 -10.74
C GLY C 239 -15.85 -11.66 -9.51
N PHE C 240 -16.52 -11.79 -8.36
CA PHE C 240 -15.80 -12.06 -7.12
C PHE C 240 -16.77 -12.49 -6.04
N VAL C 241 -16.24 -13.24 -5.07
CA VAL C 241 -16.99 -13.68 -3.90
C VAL C 241 -16.46 -12.86 -2.72
N LEU C 242 -17.30 -11.98 -2.18
CA LEU C 242 -16.92 -11.16 -1.04
C LEU C 242 -17.30 -11.89 0.26
N PHE C 243 -16.32 -12.09 1.14
CA PHE C 243 -16.53 -12.69 2.46
C PHE C 243 -16.62 -11.60 3.52
N PRO C 244 -17.15 -11.93 4.71
CA PRO C 244 -17.50 -10.88 5.68
C PRO C 244 -16.29 -10.11 6.19
N ALA C 245 -16.61 -8.98 6.83
CA ALA C 245 -15.63 -8.06 7.39
C ALA C 245 -15.41 -8.25 8.89
N THR C 246 -16.24 -9.04 9.56
CA THR C 246 -15.95 -9.47 10.93
C THR C 246 -16.21 -10.96 11.03
N HIS C 247 -15.55 -11.57 12.00
CA HIS C 247 -15.74 -12.98 12.27
C HIS C 247 -16.87 -13.25 13.26
N TYR C 248 -17.44 -12.21 13.88
CA TYR C 248 -18.55 -12.36 14.81
C TYR C 248 -19.84 -12.01 14.07
N LEU C 249 -20.41 -13.01 13.41
CA LEU C 249 -21.67 -12.90 12.71
C LEU C 249 -22.67 -13.87 13.33
N SER C 250 -23.94 -13.49 13.31
CA SER C 250 -24.99 -14.30 13.90
C SER C 250 -26.23 -14.28 13.01
N PRO C 251 -26.91 -15.42 12.86
CA PRO C 251 -28.19 -15.42 12.16
C PRO C 251 -29.31 -14.85 13.01
N GLU C 252 -29.08 -14.75 14.32
CA GLU C 252 -29.97 -14.04 15.23
C GLU C 252 -29.88 -12.54 14.98
N GLY C 253 -30.96 -11.83 15.33
CA GLY C 253 -31.02 -10.40 15.06
C GLY C 253 -30.15 -9.59 16.00
N LEU C 254 -29.55 -8.54 15.46
CA LEU C 254 -28.64 -7.72 16.26
C LEU C 254 -29.36 -7.07 17.44
N GLU C 255 -30.62 -6.70 17.27
CA GLU C 255 -31.37 -6.15 18.41
C GLU C 255 -31.71 -7.24 19.41
N GLU C 256 -32.07 -8.44 18.93
CA GLU C 256 -32.34 -9.55 19.84
C GLU C 256 -31.11 -9.89 20.66
N ILE C 257 -29.93 -9.90 20.02
CA ILE C 257 -28.68 -10.16 20.73
C ILE C 257 -28.49 -9.16 21.87
N LEU C 258 -28.70 -7.87 21.58
CA LEU C 258 -28.50 -6.84 22.60
C LEU C 258 -29.45 -7.06 23.77
N LYS C 259 -30.71 -7.43 23.49
CA LYS C 259 -31.65 -7.69 24.57
C LYS C 259 -31.16 -8.81 25.48
N GLU C 260 -30.62 -9.88 24.90
CA GLU C 260 -30.09 -10.98 25.71
C GLU C 260 -28.96 -10.49 26.61
N ILE C 261 -28.03 -9.68 26.08
CA ILE C 261 -26.91 -9.20 26.88
C ILE C 261 -27.40 -8.28 28.00
N GLU C 262 -28.36 -7.41 27.70
CA GLU C 262 -28.91 -6.52 28.73
C GLU C 262 -29.54 -7.33 29.86
N LYS C 263 -30.22 -8.43 29.53
CA LYS C 263 -30.77 -9.31 30.55
C LYS C 263 -29.68 -9.73 31.54
N GLU C 264 -28.53 -10.16 31.02
CA GLU C 264 -27.43 -10.54 31.92
C GLU C 264 -26.89 -9.33 32.67
N LEU C 265 -26.94 -8.16 32.06
CA LEU C 265 -26.39 -6.96 32.72
C LEU C 265 -27.15 -6.63 33.99
N TRP C 266 -28.48 -6.67 33.92
CA TRP C 266 -29.29 -6.26 35.07
C TRP C 266 -29.30 -7.33 36.15
N GLU C 267 -29.29 -8.60 35.74
CA GLU C 267 -29.07 -9.68 36.70
C GLU C 267 -27.78 -9.45 37.47
N ARG C 268 -26.72 -9.06 36.77
CA ARG C 268 -25.42 -8.88 37.40
C ARG C 268 -25.40 -7.62 38.27
N VAL C 269 -26.09 -6.57 37.84
CA VAL C 269 -26.20 -5.37 38.66
C VAL C 269 -27.00 -5.67 39.93
N ARG C 270 -28.05 -6.49 39.80
CA ARG C 270 -28.77 -6.96 40.98
C ARG C 270 -27.84 -7.69 41.93
N TYR C 271 -26.92 -8.49 41.38
CA TYR C 271 -25.95 -9.19 42.21
C TYR C 271 -25.03 -8.21 42.95
N PHE C 272 -24.46 -7.25 42.22
CA PHE C 272 -23.56 -6.30 42.86
C PHE C 272 -24.29 -5.41 43.86
N GLU C 273 -25.54 -5.05 43.54
CA GLU C 273 -26.28 -4.16 44.43
C GLU C 273 -26.74 -4.88 45.69
N GLU C 274 -27.21 -6.12 45.56
CA GLU C 274 -27.60 -6.88 46.74
C GLU C 274 -26.42 -7.20 47.64
N ARG C 275 -25.19 -6.93 47.19
CA ARG C 275 -24.00 -7.05 48.01
C ARG C 275 -23.44 -5.70 48.41
N GLY C 276 -24.18 -4.62 48.16
CA GLY C 276 -23.71 -3.29 48.48
C GLY C 276 -22.60 -2.76 47.60
N GLU C 277 -22.22 -3.51 46.56
CA GLU C 277 -21.12 -3.11 45.69
C GLU C 277 -21.68 -2.24 44.58
N VAL C 278 -21.96 -0.99 44.95
CA VAL C 278 -22.54 -0.04 44.01
C VAL C 278 -21.51 0.40 42.99
N LEU C 279 -20.25 0.58 43.42
CA LEU C 279 -19.21 0.98 42.49
C LEU C 279 -19.05 -0.05 41.36
N TYR C 280 -19.13 -1.34 41.70
CA TYR C 280 -19.00 -2.38 40.68
C TYR C 280 -20.21 -2.38 39.76
N ALA C 281 -21.40 -2.13 40.32
CA ALA C 281 -22.61 -2.11 39.51
C ALA C 281 -22.56 -0.98 38.49
N GLN C 282 -22.17 0.22 38.93
CA GLN C 282 -22.16 1.34 38.00
C GLN C 282 -20.96 1.29 37.06
N ARG C 283 -19.85 0.71 37.51
CA ARG C 283 -18.75 0.43 36.59
C ARG C 283 -19.22 -0.47 35.46
N LEU C 284 -19.90 -1.57 35.80
CA LEU C 284 -20.36 -2.53 34.80
C LEU C 284 -21.45 -1.94 33.92
N LYS C 285 -22.26 -1.01 34.45
CA LYS C 285 -23.30 -0.39 33.63
C LYS C 285 -22.70 0.55 32.59
N GLU C 286 -21.86 1.50 33.04
CA GLU C 286 -21.20 2.42 32.12
C GLU C 286 -20.54 1.67 30.98
N ARG C 287 -19.72 0.66 31.29
CA ARG C 287 -18.89 0.05 30.27
C ARG C 287 -19.69 -0.87 29.36
N THR C 288 -20.70 -1.57 29.89
CA THR C 288 -21.47 -2.48 29.06
C THR C 288 -22.41 -1.73 28.13
N LEU C 289 -23.14 -0.75 28.66
CA LEU C 289 -24.09 -0.01 27.82
C LEU C 289 -23.37 0.76 26.72
N TYR C 290 -22.28 1.44 27.08
CA TYR C 290 -21.46 2.10 26.07
C TYR C 290 -21.05 1.14 24.95
N ASP C 291 -20.68 -0.09 25.32
CA ASP C 291 -20.33 -1.10 24.31
C ASP C 291 -21.50 -1.40 23.40
N LEU C 292 -22.65 -1.77 23.99
CA LEU C 292 -23.82 -2.15 23.21
C LEU C 292 -24.30 -0.99 22.34
N GLU C 293 -24.13 0.24 22.81
CA GLU C 293 -24.60 1.37 22.02
C GLU C 293 -23.73 1.57 20.79
N MET C 294 -22.42 1.39 20.91
CA MET C 294 -21.57 1.37 19.72
C MET C 294 -21.92 0.18 18.84
N LEU C 295 -22.28 -0.95 19.44
CA LEU C 295 -22.67 -2.11 18.65
C LEU C 295 -23.95 -1.83 17.87
N ARG C 296 -24.93 -1.19 18.51
CA ARG C 296 -26.19 -0.89 17.84
C ARG C 296 -25.97 0.06 16.67
N VAL C 297 -25.07 1.03 16.84
CA VAL C 297 -24.91 2.08 15.83
C VAL C 297 -23.96 1.65 14.71
N MET C 298 -23.02 0.73 14.97
CA MET C 298 -22.03 0.35 13.97
C MET C 298 -21.95 -1.14 13.69
N GLY C 299 -22.65 -1.99 14.47
CA GLY C 299 -22.57 -3.42 14.28
C GLY C 299 -21.40 -4.08 14.95
N THR C 300 -20.33 -3.34 15.24
CA THR C 300 -19.20 -3.86 15.99
C THR C 300 -18.77 -2.82 17.02
N CYS C 301 -17.89 -3.24 17.91
CA CYS C 301 -17.30 -2.35 18.90
C CYS C 301 -15.91 -2.87 19.20
N PRO C 302 -15.08 -2.06 19.85
CA PRO C 302 -13.82 -2.59 20.40
C PRO C 302 -14.12 -3.61 21.49
N GLY C 303 -13.42 -4.74 21.42
CA GLY C 303 -13.64 -5.79 22.39
C GLY C 303 -14.92 -6.57 22.19
N VAL C 304 -15.48 -6.60 20.98
CA VAL C 304 -16.69 -7.37 20.73
C VAL C 304 -16.49 -8.83 21.10
N GLU C 305 -15.24 -9.30 21.11
CA GLU C 305 -14.99 -10.68 21.49
C GLU C 305 -15.49 -10.99 22.91
N ASN C 306 -15.62 -9.98 23.78
CA ASN C 306 -16.15 -10.21 25.13
C ASN C 306 -17.55 -10.82 25.08
N TYR C 307 -18.35 -10.44 24.09
CA TYR C 307 -19.73 -10.91 23.96
C TYR C 307 -19.84 -12.07 22.96
N ALA C 308 -18.76 -12.84 22.80
CA ALA C 308 -18.72 -13.86 21.75
C ALA C 308 -19.79 -14.91 21.92
N ARG C 309 -20.12 -15.27 23.17
CA ARG C 309 -21.11 -16.31 23.41
C ARG C 309 -22.46 -15.97 22.77
N TYR C 310 -22.84 -14.68 22.80
CA TYR C 310 -24.13 -14.29 22.26
C TYR C 310 -24.13 -14.28 20.73
N PHE C 311 -22.97 -14.07 20.11
CA PHE C 311 -22.88 -14.06 18.64
C PHE C 311 -22.77 -15.45 18.04
N THR C 312 -22.40 -16.47 18.84
CA THR C 312 -22.18 -17.82 18.34
C THR C 312 -23.20 -18.84 18.81
N GLY C 313 -23.98 -18.53 19.85
CA GLY C 313 -24.97 -19.47 20.33
C GLY C 313 -24.42 -20.57 21.21
N LYS C 314 -23.24 -20.37 21.81
CA LYS C 314 -22.69 -21.35 22.73
C LYS C 314 -23.32 -21.20 24.11
N ALA C 315 -23.37 -22.29 24.83
CA ALA C 315 -23.90 -22.27 26.19
C ALA C 315 -22.80 -21.88 27.17
N PRO C 316 -23.16 -21.32 28.32
CA PRO C 316 -22.14 -20.98 29.33
C PRO C 316 -21.28 -22.19 29.68
N GLY C 317 -19.97 -21.97 29.74
CA GLY C 317 -19.02 -23.01 30.03
C GLY C 317 -18.53 -23.79 28.82
N GLU C 318 -19.36 -23.88 27.78
CA GLU C 318 -19.00 -24.62 26.58
C GLU C 318 -17.78 -23.99 25.92
N PRO C 319 -16.94 -24.80 25.28
CA PRO C 319 -15.75 -24.27 24.60
C PRO C 319 -16.14 -23.46 23.36
N PRO C 320 -15.51 -22.30 23.17
CA PRO C 320 -15.89 -21.43 22.04
C PRO C 320 -15.36 -21.94 20.70
N TYR C 321 -15.86 -21.32 19.65
CA TYR C 321 -15.31 -21.55 18.32
C TYR C 321 -13.90 -20.96 18.25
N THR C 322 -13.00 -21.67 17.57
CA THR C 322 -11.65 -21.17 17.33
C THR C 322 -11.32 -21.34 15.85
N LEU C 323 -10.11 -20.93 15.49
CA LEU C 323 -9.61 -21.12 14.13
C LEU C 323 -9.72 -22.58 13.71
N LEU C 324 -9.63 -23.50 14.67
CA LEU C 324 -9.74 -24.92 14.35
C LEU C 324 -11.04 -25.20 13.60
N ASP C 325 -12.11 -24.51 13.99
CA ASP C 325 -13.41 -24.76 13.38
C ASP C 325 -13.50 -24.23 11.95
N TYR C 326 -12.50 -23.51 11.46
CA TYR C 326 -12.52 -23.01 10.09
C TYR C 326 -11.82 -23.94 9.11
N PHE C 327 -11.05 -24.91 9.62
CA PHE C 327 -10.41 -25.89 8.75
C PHE C 327 -11.44 -26.90 8.26
N PRO C 328 -11.23 -27.48 7.07
CA PRO C 328 -11.95 -28.70 6.72
C PRO C 328 -11.56 -29.82 7.68
N GLU C 329 -12.34 -30.89 7.66
CA GLU C 329 -12.28 -31.87 8.74
C GLU C 329 -10.97 -32.63 8.79
N ASP C 330 -10.15 -32.59 7.73
CA ASP C 330 -8.99 -33.46 7.64
C ASP C 330 -7.67 -32.68 7.74
N PHE C 331 -7.61 -31.65 8.57
CA PHE C 331 -6.36 -30.90 8.66
C PHE C 331 -5.33 -31.62 9.55
N LEU C 332 -4.15 -31.03 9.61
CA LEU C 332 -2.97 -31.62 10.23
C LEU C 332 -2.27 -30.56 11.07
N VAL C 333 -1.79 -30.94 12.26
CA VAL C 333 -1.27 -29.97 13.21
C VAL C 333 0.18 -30.29 13.50
N PHE C 334 1.04 -29.28 13.35
CA PHE C 334 2.42 -29.30 13.83
C PHE C 334 2.55 -28.30 14.97
N LEU C 335 3.29 -28.70 16.00
CA LEU C 335 3.65 -27.83 17.12
C LEU C 335 5.17 -27.66 17.11
N ASP C 336 5.64 -26.61 16.46
CA ASP C 336 7.08 -26.34 16.45
C ASP C 336 7.53 -25.92 17.85
N GLU C 337 8.77 -26.26 18.18
CA GLU C 337 9.31 -26.05 19.52
C GLU C 337 8.36 -26.62 20.55
N SER C 338 8.08 -27.91 20.38
CA SER C 338 7.06 -28.59 21.15
C SER C 338 7.25 -28.45 22.65
N HIS C 339 8.51 -28.43 23.12
CA HIS C 339 8.75 -28.32 24.56
C HIS C 339 8.29 -26.98 25.13
N VAL C 340 8.14 -25.96 24.28
CA VAL C 340 7.62 -24.67 24.69
C VAL C 340 6.15 -24.52 24.32
N THR C 341 5.78 -24.95 23.12
CA THR C 341 4.42 -24.75 22.61
C THR C 341 3.39 -25.55 23.42
N VAL C 342 3.72 -26.78 23.78
CA VAL C 342 2.77 -27.60 24.57
C VAL C 342 2.49 -26.97 25.93
N PRO C 343 3.48 -26.50 26.70
CA PRO C 343 3.14 -25.82 27.96
C PRO C 343 2.34 -24.55 27.77
N GLN C 344 2.63 -23.77 26.72
CA GLN C 344 1.79 -22.62 26.42
C GLN C 344 0.33 -23.03 26.26
N LEU C 345 0.07 -24.00 25.39
CA LEU C 345 -1.29 -24.52 25.23
C LEU C 345 -1.86 -24.99 26.56
N GLN C 346 -1.05 -25.69 27.35
CA GLN C 346 -1.55 -26.26 28.60
C GLN C 346 -2.02 -25.18 29.57
N GLY C 347 -1.34 -24.04 29.60
CA GLY C 347 -1.63 -23.00 30.56
C GLY C 347 -2.45 -21.83 30.07
N MET C 348 -2.86 -21.81 28.79
CA MET C 348 -3.61 -20.67 28.26
C MET C 348 -4.85 -20.39 29.10
N TYR C 349 -5.63 -21.43 29.40
CA TYR C 349 -6.91 -21.22 30.08
C TYR C 349 -6.73 -20.59 31.45
N ARG C 350 -5.95 -21.24 32.33
CA ARG C 350 -5.77 -20.73 33.68
C ARG C 350 -5.28 -19.30 33.66
N GLY C 351 -4.30 -18.99 32.79
CA GLY C 351 -3.78 -17.64 32.73
C GLY C 351 -4.84 -16.64 32.31
N ASP C 352 -5.57 -16.96 31.24
CA ASP C 352 -6.65 -16.10 30.78
C ASP C 352 -7.75 -15.99 31.81
N TYR C 353 -8.18 -17.14 32.36
CA TYR C 353 -9.25 -17.13 33.36
C TYR C 353 -8.92 -16.21 34.53
N ALA C 354 -7.70 -16.31 35.07
CA ALA C 354 -7.30 -15.49 36.19
C ALA C 354 -7.50 -14.01 35.89
N ARG C 355 -7.00 -13.56 34.73
CA ARG C 355 -7.08 -12.15 34.35
C ARG C 355 -8.53 -11.70 34.20
N LYS C 356 -9.37 -12.53 33.56
CA LYS C 356 -10.75 -12.13 33.33
C LYS C 356 -11.61 -12.27 34.58
N LYS C 357 -11.28 -13.21 35.47
CA LYS C 357 -12.04 -13.35 36.71
C LYS C 357 -11.95 -12.09 37.56
N THR C 358 -10.76 -11.48 37.64
CA THR C 358 -10.62 -10.20 38.34
C THR C 358 -11.52 -9.14 37.71
N LEU C 359 -11.53 -9.06 36.38
CA LEU C 359 -12.37 -8.07 35.70
C LEU C 359 -13.86 -8.30 36.01
N VAL C 360 -14.29 -9.57 36.06
CA VAL C 360 -15.68 -9.88 36.36
C VAL C 360 -16.00 -9.56 37.82
N ASP C 361 -15.10 -9.91 38.74
CA ASP C 361 -15.37 -9.70 40.16
C ASP C 361 -15.50 -8.21 40.51
N TYR C 362 -14.81 -7.33 39.77
CA TYR C 362 -14.83 -5.91 40.08
C TYR C 362 -15.66 -5.10 39.09
N GLY C 363 -16.61 -5.75 38.40
CA GLY C 363 -17.56 -5.02 37.59
C GLY C 363 -17.02 -4.50 36.27
N PHE C 364 -15.87 -4.97 35.81
CA PHE C 364 -15.39 -4.53 34.52
C PHE C 364 -16.01 -5.32 33.37
N ARG C 365 -16.44 -6.55 33.62
CA ARG C 365 -16.99 -7.37 32.56
C ARG C 365 -18.07 -8.28 33.12
N LEU C 366 -19.02 -8.63 32.26
CA LEU C 366 -20.03 -9.59 32.61
C LEU C 366 -19.41 -10.98 32.75
N PRO C 367 -20.00 -11.86 33.57
CA PRO C 367 -19.52 -13.24 33.64
C PRO C 367 -19.43 -13.93 32.28
N SER C 368 -20.30 -13.58 31.34
CA SER C 368 -20.27 -14.22 30.03
C SER C 368 -18.97 -13.96 29.27
N ALA C 369 -18.20 -12.94 29.66
CA ALA C 369 -16.91 -12.72 29.02
C ALA C 369 -15.95 -13.88 29.26
N LEU C 370 -16.15 -14.63 30.35
CA LEU C 370 -15.33 -15.80 30.61
C LEU C 370 -15.50 -16.88 29.57
N ASP C 371 -16.58 -16.84 28.80
CA ASP C 371 -16.81 -17.82 27.75
C ASP C 371 -16.13 -17.45 26.43
N ASN C 372 -15.50 -16.28 26.37
CA ASN C 372 -14.58 -15.95 25.28
C ASN C 372 -13.18 -16.18 25.84
N ARG C 373 -12.61 -17.33 25.51
CA ARG C 373 -11.47 -17.84 26.26
C ARG C 373 -10.68 -18.77 25.35
N PRO C 374 -9.39 -18.99 25.64
CA PRO C 374 -8.66 -20.04 24.95
C PRO C 374 -9.12 -21.42 25.41
N LEU C 375 -8.92 -22.39 24.54
CA LEU C 375 -9.29 -23.77 24.86
C LEU C 375 -8.43 -24.31 26.00
N ARG C 376 -9.00 -25.20 26.79
CA ARG C 376 -8.21 -26.07 27.64
C ARG C 376 -7.47 -27.08 26.76
N PHE C 377 -6.35 -27.59 27.29
CA PHE C 377 -5.49 -28.44 26.47
C PHE C 377 -6.23 -29.67 25.96
N GLU C 378 -7.09 -30.27 26.79
CA GLU C 378 -7.83 -31.44 26.33
C GLU C 378 -8.97 -31.06 25.41
N GLU C 379 -9.48 -29.83 25.52
CA GLU C 379 -10.37 -29.32 24.49
C GLU C 379 -9.65 -29.21 23.17
N PHE C 380 -8.43 -28.67 23.18
CA PHE C 380 -7.61 -28.63 21.98
C PHE C 380 -7.39 -30.03 21.42
N LEU C 381 -6.97 -30.97 22.28
CA LEU C 381 -6.69 -32.32 21.84
C LEU C 381 -7.94 -32.99 21.26
N GLU C 382 -9.12 -32.57 21.71
CA GLU C 382 -10.35 -33.13 21.16
C GLU C 382 -10.69 -32.58 19.77
N ARG C 383 -10.25 -31.36 19.43
CA ARG C 383 -10.56 -30.79 18.12
C ARG C 383 -9.57 -31.19 17.03
N VAL C 384 -8.49 -31.87 17.38
CA VAL C 384 -7.44 -32.21 16.41
C VAL C 384 -7.39 -33.72 16.27
N SER C 385 -7.17 -34.18 15.03
CA SER C 385 -7.06 -35.61 14.80
C SER C 385 -5.66 -36.12 15.10
N GLN C 386 -4.64 -35.47 14.53
CA GLN C 386 -3.27 -35.90 14.63
C GLN C 386 -2.37 -34.71 14.92
N VAL C 387 -1.38 -34.91 15.79
CA VAL C 387 -0.46 -33.85 16.19
C VAL C 387 0.96 -34.32 15.96
N VAL C 388 1.77 -33.46 15.35
CA VAL C 388 3.20 -33.70 15.16
C VAL C 388 3.96 -32.73 16.03
N PHE C 389 4.65 -33.24 17.04
CA PHE C 389 5.50 -32.40 17.86
C PHE C 389 6.86 -32.29 17.19
N VAL C 390 7.37 -31.06 17.11
CA VAL C 390 8.66 -30.76 16.50
C VAL C 390 9.55 -30.14 17.56
N SER C 391 10.63 -30.82 17.90
CA SER C 391 11.56 -30.32 18.89
C SER C 391 12.85 -31.12 18.81
N ALA C 392 13.96 -30.45 19.09
CA ALA C 392 15.20 -31.15 19.35
C ALA C 392 15.39 -31.44 20.82
N THR C 393 14.51 -30.92 21.68
CA THR C 393 14.48 -31.24 23.11
C THR C 393 13.03 -31.44 23.52
N PRO C 394 12.38 -32.50 23.00
CA PRO C 394 10.94 -32.69 23.29
C PRO C 394 10.69 -32.91 24.77
N GLY C 395 9.60 -32.31 25.26
CA GLY C 395 9.28 -32.30 26.67
C GLY C 395 8.53 -33.54 27.12
N PRO C 396 8.18 -33.58 28.41
CA PRO C 396 7.64 -34.83 28.97
C PRO C 396 6.33 -35.29 28.35
N PHE C 397 5.44 -34.37 27.97
CA PHE C 397 4.19 -34.79 27.34
C PHE C 397 4.45 -35.49 26.01
N GLU C 398 5.33 -34.91 25.18
CA GLU C 398 5.58 -35.47 23.86
C GLU C 398 6.12 -36.90 23.96
N LEU C 399 7.12 -37.13 24.81
CA LEU C 399 7.71 -38.45 24.93
C LEU C 399 6.77 -39.43 25.62
N ALA C 400 5.87 -38.93 26.47
CA ALA C 400 4.94 -39.82 27.16
C ALA C 400 3.81 -40.29 26.26
N HIS C 401 3.40 -39.49 25.27
CA HIS C 401 2.20 -39.80 24.51
C HIS C 401 2.44 -40.11 23.04
N SER C 402 3.62 -39.83 22.51
CA SER C 402 3.89 -40.18 21.11
C SER C 402 3.94 -41.70 20.94
N GLY C 403 3.26 -42.20 19.92
CA GLY C 403 3.49 -43.57 19.51
C GLY C 403 4.66 -43.73 18.56
N ARG C 404 5.09 -42.63 17.96
CA ARG C 404 6.26 -42.62 17.09
C ARG C 404 7.10 -41.41 17.43
N VAL C 405 8.42 -41.61 17.46
CA VAL C 405 9.40 -40.55 17.65
C VAL C 405 10.45 -40.75 16.58
N VAL C 406 10.52 -39.83 15.62
CA VAL C 406 11.33 -39.99 14.41
C VAL C 406 12.51 -39.04 14.48
N GLU C 407 13.72 -39.57 14.42
CA GLU C 407 14.92 -38.76 14.55
C GLU C 407 15.22 -38.04 13.24
N GLN C 408 15.66 -36.79 13.36
CA GLN C 408 16.32 -36.09 12.25
C GLN C 408 17.46 -35.29 12.90
N ILE C 409 18.61 -35.93 13.02
CA ILE C 409 19.78 -35.33 13.65
C ILE C 409 20.74 -34.95 12.52
N ILE C 410 20.72 -33.69 12.12
CA ILE C 410 21.65 -33.20 11.11
C ILE C 410 22.38 -32.03 11.75
N ARG C 411 23.51 -32.33 12.37
CA ARG C 411 24.34 -31.30 12.97
C ARG C 411 25.37 -30.85 11.93
N PHE D 13 17.01 34.45 -37.84
CA PHE D 13 16.76 35.50 -38.81
C PHE D 13 16.96 36.90 -38.23
N ARG D 14 17.45 37.82 -39.06
CA ARG D 14 17.74 39.17 -38.60
C ARG D 14 16.61 40.16 -38.87
N GLY D 15 15.64 39.80 -39.71
CA GLY D 15 14.58 40.71 -40.07
C GLY D 15 14.73 41.25 -41.49
N GLY D 16 13.68 41.13 -42.29
CA GLY D 16 13.71 41.47 -43.69
C GLY D 16 13.81 40.28 -44.61
N GLU D 17 14.21 39.11 -44.09
CA GLU D 17 14.41 37.94 -44.92
C GLU D 17 13.13 37.50 -45.61
N ARG D 18 13.26 37.03 -46.85
CA ARG D 18 12.15 36.45 -47.58
C ARG D 18 12.06 34.96 -47.24
N VAL D 19 10.86 34.51 -46.91
CA VAL D 19 10.63 33.11 -46.56
C VAL D 19 9.37 32.65 -47.27
N VAL D 20 9.18 31.33 -47.30
CA VAL D 20 7.98 30.71 -47.84
C VAL D 20 7.50 29.68 -46.82
N HIS D 21 6.22 29.71 -46.55
CA HIS D 21 5.54 28.86 -45.59
C HIS D 21 4.61 27.90 -46.31
N PRO D 22 4.54 26.63 -45.88
CA PRO D 22 3.82 25.63 -46.68
C PRO D 22 2.37 25.97 -46.91
N ARG D 23 1.74 26.70 -46.00
CA ARG D 23 0.34 27.05 -46.14
C ARG D 23 0.11 28.54 -46.35
N PHE D 24 0.92 29.41 -45.74
CA PHE D 24 0.73 30.85 -45.86
C PHE D 24 1.43 31.45 -47.07
N GLY D 25 2.31 30.71 -47.73
CA GLY D 25 2.97 31.19 -48.92
C GLY D 25 4.07 32.18 -48.64
N PRO D 26 4.29 33.10 -49.59
CA PRO D 26 5.38 34.08 -49.44
C PRO D 26 5.11 35.08 -48.33
N GLY D 27 6.13 35.30 -47.49
CA GLY D 27 6.07 36.27 -46.43
C GLY D 27 7.47 36.83 -46.17
N THR D 28 7.53 37.80 -45.26
CA THR D 28 8.78 38.47 -44.93
C THR D 28 8.99 38.41 -43.42
N VAL D 29 10.18 38.01 -42.99
CA VAL D 29 10.46 37.89 -41.56
C VAL D 29 10.50 39.27 -40.95
N VAL D 30 9.73 39.47 -39.89
CA VAL D 30 9.68 40.74 -39.18
C VAL D 30 10.56 40.75 -37.95
N ALA D 31 10.45 39.73 -37.11
CA ALA D 31 11.22 39.67 -35.87
C ALA D 31 11.56 38.22 -35.58
N ALA D 32 12.50 38.03 -34.64
CA ALA D 32 12.90 36.69 -34.22
C ALA D 32 13.46 36.78 -32.81
N GLN D 33 12.78 36.16 -31.85
CA GLN D 33 13.21 36.09 -30.45
C GLN D 33 13.23 34.62 -30.07
N GLY D 34 14.40 33.99 -30.22
CA GLY D 34 14.57 32.59 -29.88
C GLY D 34 13.91 31.66 -30.87
N ASP D 35 12.98 30.84 -30.38
CA ASP D 35 12.22 29.95 -31.26
C ASP D 35 11.03 30.64 -31.91
N GLU D 36 10.63 31.80 -31.40
CA GLU D 36 9.52 32.54 -31.97
C GLU D 36 9.99 33.40 -33.14
N VAL D 37 9.31 33.28 -34.28
CA VAL D 37 9.57 34.12 -35.44
C VAL D 37 8.26 34.79 -35.84
N THR D 38 8.31 36.10 -36.06
CA THR D 38 7.16 36.86 -36.53
C THR D 38 7.33 37.13 -38.01
N VAL D 39 6.38 36.66 -38.82
CA VAL D 39 6.46 36.78 -40.27
C VAL D 39 5.20 37.46 -40.79
N HIS D 40 5.38 38.38 -41.72
CA HIS D 40 4.26 39.08 -42.35
C HIS D 40 4.00 38.45 -43.72
N PHE D 41 2.77 37.97 -43.93
CA PHE D 41 2.42 37.29 -45.16
C PHE D 41 1.46 38.13 -45.98
N GLU D 42 1.55 37.98 -47.30
CA GLU D 42 0.64 38.67 -48.20
C GLU D 42 -0.82 38.41 -47.83
N GLY D 43 -1.20 37.12 -47.80
CA GLY D 43 -2.61 36.80 -47.64
C GLY D 43 -3.11 36.83 -46.22
N PHE D 44 -2.25 36.48 -45.26
CA PHE D 44 -2.70 36.19 -43.91
C PHE D 44 -2.28 37.23 -42.89
N GLY D 45 -1.48 38.23 -43.28
CA GLY D 45 -1.06 39.19 -42.29
C GLY D 45 0.02 38.63 -41.39
N LEU D 46 0.19 39.29 -40.24
CA LEU D 46 1.24 38.94 -39.31
C LEU D 46 0.97 37.60 -38.63
N LYS D 47 1.99 36.75 -38.53
CA LYS D 47 1.90 35.45 -37.87
C LYS D 47 3.03 35.28 -36.87
N ARG D 48 2.69 34.85 -35.66
CA ARG D 48 3.65 34.54 -34.61
C ARG D 48 3.85 33.03 -34.61
N LEU D 49 5.03 32.58 -35.06
CA LEU D 49 5.24 31.16 -35.35
C LEU D 49 6.33 30.57 -34.47
N SER D 50 6.32 29.24 -34.36
CA SER D 50 7.39 28.47 -33.75
C SER D 50 8.29 27.93 -34.84
N LEU D 51 9.60 28.15 -34.69
CA LEU D 51 10.54 27.80 -35.75
C LEU D 51 10.64 26.28 -35.94
N LYS D 52 10.60 25.53 -34.84
CA LYS D 52 10.65 24.07 -34.94
C LYS D 52 9.59 23.54 -35.90
N TYR D 53 8.40 24.14 -35.89
CA TYR D 53 7.25 23.58 -36.58
C TYR D 53 6.76 24.38 -37.77
N ALA D 54 7.26 25.60 -37.99
CA ALA D 54 6.75 26.41 -39.08
C ALA D 54 7.09 25.82 -40.46
N GLU D 55 8.20 25.09 -40.55
CA GLU D 55 8.66 24.51 -41.82
C GLU D 55 8.96 25.62 -42.84
N LEU D 56 9.51 26.73 -42.36
CA LEU D 56 9.84 27.84 -43.24
C LEU D 56 10.98 27.45 -44.16
N LYS D 57 10.85 27.78 -45.44
CA LYS D 57 11.91 27.71 -46.41
C LYS D 57 12.35 29.10 -46.79
N PRO D 58 13.63 29.32 -47.11
CA PRO D 58 14.03 30.63 -47.63
C PRO D 58 13.55 30.79 -49.05
N ALA D 59 13.18 32.02 -49.40
CA ALA D 59 12.79 32.32 -50.78
C ALA D 59 13.99 32.79 -51.58
#